data_9GTC
#
_entry.id   9GTC
#
_cell.length_a   97.181
_cell.length_b   102.652
_cell.length_c   129.777
_cell.angle_alpha   90.00
_cell.angle_beta   90.00
_cell.angle_gamma   90.00
#
_symmetry.space_group_name_H-M   'P 21 21 21'
#
loop_
_entity.id
_entity.type
_entity.pdbx_description
1 polymer 'Lysosomal alpha-glucosidase'
2 branched 2-acetamido-2-deoxy-beta-D-glucopyranose-(1-4)-[alpha-L-fucopyranose-(1-6)]2-acetamido-2-deoxy-beta-D-glucopyranose
3 branched beta-D-mannopyranose-(1-4)-2-acetamido-2-deoxy-beta-D-glucopyranose-(1-4)-2-acetamido-2-deoxy-beta-D-glucopyranose
4 branched 2-acetamido-2-deoxy-beta-D-glucopyranose-(1-4)-2-acetamido-2-deoxy-beta-D-glucopyranose
5 non-polymer (2~{R},3~{R},4~{R},5~{S})-2-(hydroxymethyl)-2-pentyl-piperidine-3,4,5-triol
6 non-polymer 'SULFATE ION'
7 non-polymer 'CHLORIDE ION'
8 non-polymer GLYCEROL
9 non-polymer DI(HYDROXYETHYL)ETHER
10 non-polymer 1,2-ETHANEDIOL
11 water water
#
_entity_poly.entity_id   1
_entity_poly.type   'polypeptide(L)'
_entity_poly.pdbx_seq_one_letter_code
;MGVRHPPCSHRLLAVCALVSLATAALLGHILLHDFLLVPRELSGSSPVLEETHPAHQQGASRPGPRDAQAHPGRPRAVPT
QCDVPPNSRFDCAPDKAITQEQCEARGCCYIPAKQGLQGAQMGQPWCFFPPSYPSYKLENLSSSEMGYTATLTRTTPTFF
PKDILTLRLDVMMETENRLHFTIKDPANRRYEVPLETPRVHSRAPSPLYSVEFSEEPFGVIVHRQLDGRVLLNTTVAPLF
FADQFLQLSTSLPSQYITGLAEHLSPLMLSTSWTRITLWNRDLAPTPGANLYGSHPFYLALEDGGSAHGVFLLNSNAMDV
VLQPSPALSWRSTGGILDVYIFLGPEPKSVVQQYLDVVGYPFMPPYWGLGFHLCRWGYSSTAITRQVVENMTRAHFPLDV
QWNDLDYMDSRRDFTFNKDGFRDFPAMVQELHQGGRRYMMIVDPAISSSGPAGSYRPYDEGLRRGVFITNETGQPLIGKV
WPGSTAFPDFTNPTALAWWEDMVAEFHDQVPFDGMWIDMNEPSNFIRGSEDGCPNNELENPPYVPGVVGGTLQAATICAS
SHQFLSTHYNLHNLYGLTEAIASHRALVKARGTRPFVISRSTFAGHGRYAGHWTGDVWSSWEQLASSVPEILQFNLLGVP
LVGADVCGFLGNTSEELCVRWTQLGAFYPFMRNHNSLLSLPQEPYSFSEPAQQAMRKALTLRYALLPHLYTLFHQAHVAG
ETVARPLFLEFPKDSSTWTVDHQLLWGEALLITPVLQAGKAEVTGYFPLGTWYDLQTVPIEALGSLPPPPAAPREPAIHS
EGQWVTLPAPLDTINVHLRAGYIIPLQGPGLTTTESRQQPMALAVALTKGGEARGELFWDDGESLEVLERGAYTQVIFLA
RNNTIVNELVRVTSEGAGLQLQKVTVLGVATAPQQVLSNGVPVSNFTYSPDTKVLDI(CSO)VSLLMGEQFLVSWC
;
_entity_poly.pdbx_strand_id   A
#
loop_
_chem_comp.id
_chem_comp.type
_chem_comp.name
_chem_comp.formula
A1IO7 non-polymer (2~{R},3~{R},4~{R},5~{S})-2-(hydroxymethyl)-2-pentyl-piperidine-3,4,5-triol 'C11 H23 N O4'
BMA D-saccharide, beta linking beta-D-mannopyranose 'C6 H12 O6'
CL non-polymer 'CHLORIDE ION' 'Cl -1'
EDO non-polymer 1,2-ETHANEDIOL 'C2 H6 O2'
FUC L-saccharide, alpha linking alpha-L-fucopyranose 'C6 H12 O5'
GOL non-polymer GLYCEROL 'C3 H8 O3'
NAG D-saccharide, beta linking 2-acetamido-2-deoxy-beta-D-glucopyranose 'C8 H15 N O6'
PEG non-polymer DI(HYDROXYETHYL)ETHER 'C4 H10 O3'
SO4 non-polymer 'SULFATE ION' 'O4 S -2'
#
# COMPACT_ATOMS: atom_id res chain seq x y z
N GLN A 81 17.89 -21.31 36.83
CA GLN A 81 17.11 -20.03 36.86
C GLN A 81 17.42 -19.21 35.60
N CYS A 82 18.62 -19.43 35.05
CA CYS A 82 19.03 -18.77 33.82
C CYS A 82 19.00 -19.78 32.67
N ASP A 83 18.22 -20.85 32.86
CA ASP A 83 18.19 -21.96 31.92
C ASP A 83 17.13 -21.69 30.86
N VAL A 84 17.44 -20.79 29.92
CA VAL A 84 16.49 -20.42 28.89
C VAL A 84 17.09 -20.77 27.53
N PRO A 85 16.36 -21.54 26.69
CA PRO A 85 16.81 -21.85 25.32
C PRO A 85 17.19 -20.60 24.55
N PRO A 86 18.32 -20.61 23.80
CA PRO A 86 18.83 -19.41 23.14
C PRO A 86 17.79 -18.56 22.41
N ASN A 87 16.91 -19.22 21.65
CA ASN A 87 15.98 -18.54 20.76
C ASN A 87 14.85 -17.87 21.54
N SER A 88 14.75 -18.19 22.84
CA SER A 88 13.65 -17.70 23.66
C SER A 88 14.14 -16.66 24.67
N ARG A 89 15.38 -16.18 24.47
CA ARG A 89 15.96 -15.18 25.34
C ARG A 89 15.53 -13.79 24.86
N PHE A 90 15.01 -12.99 25.80
CA PHE A 90 14.54 -11.65 25.51
C PHE A 90 15.53 -10.63 26.07
N ASP A 91 15.88 -9.65 25.21
CA ASP A 91 16.97 -8.73 25.48
C ASP A 91 16.68 -7.89 26.71
N CYS A 92 17.62 -7.95 27.67
CA CYS A 92 17.52 -7.21 28.91
C CYS A 92 18.38 -5.95 28.83
N ALA A 93 19.13 -5.79 27.74
CA ALA A 93 19.94 -4.60 27.53
C ALA A 93 19.71 -4.05 26.12
N PRO A 94 18.46 -3.69 25.76
CA PRO A 94 18.18 -3.13 24.44
C PRO A 94 18.57 -1.66 24.36
N ASP A 95 18.96 -1.09 25.51
CA ASP A 95 19.15 0.35 25.64
C ASP A 95 20.63 0.73 25.41
N LYS A 96 21.54 -0.15 25.83
CA LYS A 96 22.97 0.15 25.79
C LYS A 96 23.77 -1.13 25.74
N ALA A 97 25.04 -1.02 25.31
CA ALA A 97 26.02 -2.07 25.50
C ALA A 97 26.26 -2.26 26.99
N ILE A 98 26.31 -3.51 27.43
CA ILE A 98 26.32 -3.80 28.86
C ILE A 98 27.40 -4.82 29.16
N THR A 99 27.98 -4.73 30.36
CA THR A 99 28.94 -5.71 30.84
C THR A 99 28.22 -6.73 31.71
N GLN A 100 28.91 -7.85 31.98
CA GLN A 100 28.33 -8.92 32.78
C GLN A 100 27.87 -8.37 34.13
N GLU A 101 28.72 -7.58 34.78
CA GLU A 101 28.44 -7.13 36.14
C GLU A 101 27.18 -6.27 36.15
N GLN A 102 27.04 -5.43 35.13
CA GLN A 102 25.90 -4.53 35.01
C GLN A 102 24.64 -5.33 34.68
N CYS A 103 24.78 -6.33 33.81
CA CYS A 103 23.67 -7.20 33.41
C CYS A 103 23.06 -7.86 34.64
N GLU A 104 23.93 -8.40 35.52
CA GLU A 104 23.48 -9.12 36.70
C GLU A 104 22.95 -8.15 37.75
N ALA A 105 23.46 -6.91 37.74
CA ALA A 105 22.98 -5.85 38.62
C ALA A 105 21.54 -5.49 38.27
N ARG A 106 21.16 -5.64 36.99
CA ARG A 106 19.81 -5.36 36.55
C ARG A 106 18.88 -6.50 36.94
N GLY A 107 19.47 -7.61 37.39
CA GLY A 107 18.73 -8.81 37.77
C GLY A 107 18.53 -9.73 36.57
N CYS A 108 19.43 -9.63 35.58
CA CYS A 108 19.31 -10.39 34.35
C CYS A 108 20.42 -11.44 34.24
N CYS A 109 20.30 -12.29 33.22
CA CYS A 109 21.22 -13.40 32.98
C CYS A 109 22.22 -13.01 31.89
N TYR A 110 23.49 -13.35 32.12
CA TYR A 110 24.55 -13.14 31.14
C TYR A 110 25.06 -14.49 30.67
N ILE A 111 24.73 -14.83 29.42
CA ILE A 111 25.34 -15.98 28.75
C ILE A 111 25.73 -15.54 27.35
N PRO A 112 27.04 -15.52 27.01
CA PRO A 112 27.49 -15.14 25.67
C PRO A 112 26.98 -16.13 24.63
N ALA A 113 26.61 -15.61 23.45
CA ALA A 113 26.24 -16.43 22.31
C ALA A 113 27.47 -17.20 21.85
N LYS A 114 27.24 -18.34 21.19
CA LYS A 114 28.33 -19.22 20.81
C LYS A 114 28.91 -18.80 19.46
N GLN A 115 28.23 -17.88 18.77
CA GLN A 115 28.67 -17.35 17.50
C GLN A 115 28.39 -15.85 17.45
N GLY A 123 22.03 -9.75 16.90
CA GLY A 123 21.71 -11.19 17.02
C GLY A 123 21.08 -11.52 18.37
N GLN A 124 21.29 -12.76 18.82
CA GLN A 124 20.82 -13.28 20.10
C GLN A 124 21.41 -12.45 21.24
N PRO A 125 20.59 -11.99 22.21
CA PRO A 125 21.08 -11.15 23.31
C PRO A 125 21.90 -11.92 24.32
N TRP A 126 23.01 -11.32 24.77
CA TRP A 126 23.85 -11.91 25.79
C TRP A 126 23.24 -11.65 27.17
N CYS A 127 22.55 -10.52 27.28
CA CYS A 127 21.88 -10.11 28.50
C CYS A 127 20.37 -10.30 28.30
N PHE A 128 19.76 -11.17 29.11
CA PHE A 128 18.36 -11.51 28.91
C PHE A 128 17.65 -11.73 30.25
N PHE A 129 16.31 -11.66 30.20
CA PHE A 129 15.49 -11.75 31.40
C PHE A 129 15.36 -13.20 31.85
N PRO A 130 15.56 -13.49 33.16
CA PRO A 130 15.19 -14.79 33.72
C PRO A 130 13.66 -14.85 33.78
N PRO A 131 13.05 -16.05 33.90
CA PRO A 131 11.60 -16.15 33.98
C PRO A 131 11.04 -15.38 35.19
N SER A 132 11.94 -15.04 36.12
CA SER A 132 11.55 -14.48 37.41
C SER A 132 11.71 -12.96 37.43
N TYR A 133 12.08 -12.38 36.28
CA TYR A 133 12.31 -10.94 36.24
C TYR A 133 11.03 -10.20 36.59
N PRO A 134 11.10 -9.17 37.47
CA PRO A 134 9.90 -8.43 37.89
C PRO A 134 9.08 -7.84 36.74
N SER A 135 7.78 -8.14 36.74
CA SER A 135 6.86 -7.59 35.75
C SER A 135 5.75 -6.83 36.47
N TYR A 136 4.59 -6.74 35.84
CA TYR A 136 3.40 -6.26 36.53
C TYR A 136 2.61 -7.45 37.04
N LYS A 137 1.81 -7.22 38.09
CA LYS A 137 0.92 -8.22 38.65
C LYS A 137 -0.52 -7.81 38.37
N LEU A 138 -1.34 -8.78 37.93
CA LEU A 138 -2.74 -8.51 37.68
C LEU A 138 -3.50 -8.58 39.00
N GLU A 139 -4.36 -7.58 39.25
CA GLU A 139 -5.22 -7.61 40.42
C GLU A 139 -6.55 -6.93 40.12
N ASN A 140 -7.59 -7.38 40.84
CA ASN A 140 -8.92 -6.77 40.79
C ASN A 140 -9.52 -6.91 39.39
N LEU A 141 -9.23 -8.04 38.74
CA LEU A 141 -9.84 -8.36 37.46
C LEU A 141 -11.34 -8.50 37.66
N SER A 142 -12.12 -7.82 36.81
CA SER A 142 -13.57 -7.91 36.92
C SER A 142 -14.23 -7.90 35.54
N SER A 143 -15.53 -8.19 35.53
CA SER A 143 -16.28 -8.47 34.32
C SER A 143 -17.27 -7.34 34.06
N SER A 144 -17.07 -6.61 32.97
CA SER A 144 -18.07 -5.67 32.48
C SER A 144 -18.89 -6.35 31.39
N GLU A 145 -19.77 -5.58 30.74
CA GLU A 145 -20.58 -6.11 29.64
C GLU A 145 -19.74 -6.12 28.37
N MET A 146 -18.72 -5.24 28.32
CA MET A 146 -17.87 -5.13 27.15
C MET A 146 -16.82 -6.25 27.16
N GLY A 147 -16.30 -6.56 28.35
CA GLY A 147 -15.26 -7.57 28.50
C GLY A 147 -14.68 -7.57 29.92
N TYR A 148 -13.42 -7.11 30.05
CA TYR A 148 -12.74 -7.18 31.32
C TYR A 148 -12.00 -5.88 31.59
N THR A 149 -11.87 -5.55 32.87
CA THR A 149 -10.98 -4.49 33.34
C THR A 149 -10.16 -5.04 34.51
N ALA A 150 -8.93 -4.53 34.66
CA ALA A 150 -8.07 -4.91 35.77
C ALA A 150 -7.00 -3.84 36.00
N THR A 151 -6.35 -3.95 37.16
CA THR A 151 -5.24 -3.09 37.52
C THR A 151 -3.96 -3.91 37.39
N LEU A 152 -2.94 -3.31 36.79
CA LEU A 152 -1.62 -3.93 36.72
C LEU A 152 -0.69 -3.12 37.62
N THR A 153 0.01 -3.82 38.51
CA THR A 153 0.90 -3.17 39.46
C THR A 153 2.33 -3.69 39.28
N ARG A 154 3.28 -2.75 39.20
CA ARG A 154 4.68 -3.12 39.24
C ARG A 154 5.25 -2.71 40.60
N THR A 155 5.99 -3.63 41.21
CA THR A 155 6.54 -3.44 42.55
C THR A 155 8.00 -2.98 42.46
N THR A 156 8.72 -3.51 41.46
CA THR A 156 10.14 -3.26 41.31
C THR A 156 10.38 -2.44 40.05
N PRO A 157 11.09 -1.29 40.14
CA PRO A 157 11.34 -0.44 38.99
C PRO A 157 12.29 -1.15 38.02
N THR A 158 12.18 -0.78 36.74
CA THR A 158 13.06 -1.28 35.69
C THR A 158 14.29 -0.38 35.62
N PHE A 159 15.10 -0.56 34.57
CA PHE A 159 16.29 0.26 34.38
C PHE A 159 15.97 1.51 33.58
N PHE A 160 14.74 1.57 33.03
CA PHE A 160 14.29 2.77 32.34
C PHE A 160 13.73 3.78 33.37
N PRO A 161 13.93 5.10 33.16
CA PRO A 161 13.35 6.10 34.04
C PRO A 161 11.84 6.25 33.84
N LYS A 162 11.18 6.75 34.89
CA LYS A 162 9.76 7.13 34.87
C LYS A 162 8.87 5.94 34.55
N ASP A 163 9.11 4.80 35.22
CA ASP A 163 8.18 3.68 35.22
C ASP A 163 6.81 4.14 35.73
N ILE A 164 5.75 3.64 35.10
CA ILE A 164 4.40 3.90 35.57
C ILE A 164 3.89 2.66 36.30
N LEU A 165 3.83 2.76 37.63
CA LEU A 165 3.73 1.60 38.51
C LEU A 165 2.31 1.04 38.55
N THR A 166 1.31 1.88 38.26
CA THR A 166 -0.07 1.43 38.23
C THR A 166 -0.66 1.68 36.85
N LEU A 167 -1.18 0.61 36.23
CA LEU A 167 -1.80 0.70 34.92
C LEU A 167 -3.23 0.17 35.00
N ARG A 168 -4.05 0.55 34.01
CA ARG A 168 -5.40 0.02 33.87
C ARG A 168 -5.46 -0.82 32.61
N LEU A 169 -6.06 -2.02 32.73
CA LEU A 169 -6.28 -2.90 31.59
C LEU A 169 -7.76 -2.91 31.23
N ASP A 170 -8.04 -2.70 29.93
CA ASP A 170 -9.40 -2.79 29.39
C ASP A 170 -9.39 -3.76 28.22
N VAL A 171 -10.21 -4.82 28.33
CA VAL A 171 -10.35 -5.80 27.27
C VAL A 171 -11.79 -5.71 26.76
N MET A 172 -11.93 -5.31 25.49
CA MET A 172 -13.22 -5.18 24.84
C MET A 172 -13.33 -6.28 23.79
N MET A 173 -14.39 -7.08 23.90
CA MET A 173 -14.66 -8.12 22.92
C MET A 173 -15.70 -7.58 21.94
N GLU A 174 -15.19 -6.89 20.91
CA GLU A 174 -15.98 -5.94 20.12
C GLU A 174 -16.87 -6.67 19.12
N THR A 175 -16.29 -7.65 18.42
CA THR A 175 -17.06 -8.50 17.52
C THR A 175 -16.55 -9.94 17.68
N GLU A 176 -17.14 -10.86 16.92
CA GLU A 176 -16.71 -12.24 16.95
C GLU A 176 -15.33 -12.39 16.32
N ASN A 177 -14.91 -11.37 15.55
CA ASN A 177 -13.69 -11.43 14.74
C ASN A 177 -12.60 -10.56 15.35
N ARG A 178 -13.02 -9.59 16.18
CA ARG A 178 -12.13 -8.52 16.62
C ARG A 178 -12.10 -8.44 18.14
N LEU A 179 -10.90 -8.62 18.71
CA LEU A 179 -10.64 -8.40 20.12
C LEU A 179 -9.79 -7.15 20.28
N HIS A 180 -10.08 -6.35 21.31
CA HIS A 180 -9.42 -5.07 21.49
C HIS A 180 -9.05 -4.89 22.97
N PHE A 181 -7.79 -4.57 23.24
CA PHE A 181 -7.40 -4.28 24.62
C PHE A 181 -6.44 -3.10 24.68
N THR A 182 -6.57 -2.30 25.75
CA THR A 182 -5.72 -1.16 26.01
C THR A 182 -5.06 -1.30 27.39
N ILE A 183 -3.84 -0.79 27.50
CA ILE A 183 -3.19 -0.60 28.78
C ILE A 183 -2.79 0.87 28.89
N LYS A 184 -3.35 1.55 29.90
CA LYS A 184 -3.22 2.99 30.05
C LYS A 184 -2.75 3.32 31.46
N ASP A 185 -2.29 4.57 31.63
CA ASP A 185 -2.10 5.16 32.95
C ASP A 185 -3.43 5.74 33.40
N PRO A 186 -4.05 5.24 34.50
CA PRO A 186 -5.32 5.77 34.97
C PRO A 186 -5.22 7.16 35.61
N ALA A 187 -4.00 7.61 35.91
CA ALA A 187 -3.78 8.84 36.64
C ALA A 187 -3.55 10.02 35.69
N ASN A 188 -3.16 9.72 34.44
CA ASN A 188 -2.78 10.75 33.49
C ASN A 188 -3.23 10.37 32.09
N ARG A 189 -4.01 11.27 31.45
CA ARG A 189 -4.33 11.11 30.05
C ARG A 189 -3.02 11.18 29.25
N ARG A 190 -2.69 10.09 28.55
CA ARG A 190 -1.48 10.05 27.74
C ARG A 190 -1.87 10.23 26.27
N TYR A 191 -0.85 10.45 25.41
CA TYR A 191 -1.09 10.64 24.00
C TYR A 191 -1.72 9.39 23.39
N GLU A 192 -2.80 9.60 22.62
CA GLU A 192 -3.44 8.54 21.85
C GLU A 192 -3.56 9.00 20.40
N VAL A 193 -3.32 8.07 19.47
CA VAL A 193 -3.51 8.37 18.06
C VAL A 193 -4.98 8.69 17.82
N PRO A 194 -5.30 9.83 17.18
CA PRO A 194 -6.68 10.14 16.80
C PRO A 194 -7.17 9.27 15.64
N LEU A 195 -8.12 8.38 15.93
CA LEU A 195 -8.68 7.46 14.94
C LEU A 195 -10.11 7.91 14.58
N PRO A 205 -22.44 -19.80 17.48
CA PRO A 205 -22.74 -18.54 18.17
C PRO A 205 -21.74 -18.24 19.30
N SER A 206 -20.57 -17.70 18.92
CA SER A 206 -19.46 -17.48 19.81
C SER A 206 -18.35 -16.75 19.05
N PRO A 207 -17.50 -15.95 19.74
CA PRO A 207 -16.30 -15.38 19.11
C PRO A 207 -15.33 -16.47 18.65
N LEU A 208 -14.46 -16.11 17.69
CA LEU A 208 -13.46 -17.04 17.19
C LEU A 208 -12.32 -17.16 18.20
N TYR A 209 -12.26 -16.23 19.15
CA TYR A 209 -11.18 -16.19 20.12
C TYR A 209 -11.71 -16.51 21.51
N SER A 210 -10.79 -16.93 22.39
CA SER A 210 -11.02 -16.87 23.83
C SER A 210 -9.79 -16.25 24.48
N VAL A 211 -9.98 -15.65 25.66
CA VAL A 211 -8.91 -14.92 26.31
C VAL A 211 -8.76 -15.41 27.74
N GLU A 212 -7.51 -15.65 28.15
CA GLU A 212 -7.16 -15.93 29.54
C GLU A 212 -6.19 -14.85 29.99
N PHE A 213 -5.77 -14.92 31.27
CA PHE A 213 -4.78 -14.00 31.80
C PHE A 213 -3.85 -14.73 32.76
N SER A 214 -2.57 -14.42 32.63
CA SER A 214 -1.58 -14.81 33.64
C SER A 214 -1.54 -13.71 34.70
N GLU A 215 -1.50 -14.13 35.97
CA GLU A 215 -1.59 -13.20 37.09
C GLU A 215 -0.22 -12.60 37.40
N GLU A 216 0.81 -13.44 37.44
CA GLU A 216 2.15 -13.01 37.86
C GLU A 216 3.19 -13.97 37.29
N PRO A 217 3.98 -13.55 36.27
CA PRO A 217 3.91 -12.20 35.71
C PRO A 217 2.66 -12.03 34.85
N PHE A 218 2.19 -10.78 34.72
CA PHE A 218 1.00 -10.51 33.95
C PHE A 218 1.22 -10.88 32.49
N GLY A 219 0.17 -11.43 31.87
CA GLY A 219 0.16 -11.67 30.44
C GLY A 219 -1.27 -11.87 29.91
N VAL A 220 -1.50 -11.45 28.67
CA VAL A 220 -2.74 -11.71 27.98
C VAL A 220 -2.51 -12.91 27.06
N ILE A 221 -3.45 -13.87 27.09
CA ILE A 221 -3.36 -15.08 26.29
C ILE A 221 -4.61 -15.18 25.43
N VAL A 222 -4.40 -15.24 24.10
CA VAL A 222 -5.51 -15.32 23.16
C VAL A 222 -5.41 -16.62 22.38
N HIS A 223 -6.47 -17.44 22.48
CA HIS A 223 -6.58 -18.71 21.77
C HIS A 223 -7.51 -18.55 20.58
N ARG A 224 -7.23 -19.30 19.50
CA ARG A 224 -8.24 -19.58 18.51
C ARG A 224 -9.11 -20.71 19.05
N GLN A 225 -10.43 -20.48 19.14
CA GLN A 225 -11.32 -21.43 19.77
C GLN A 225 -11.41 -22.73 18.97
N LEU A 226 -11.46 -22.62 17.63
CA LEU A 226 -11.71 -23.79 16.80
C LEU A 226 -10.66 -24.88 17.02
N ASP A 227 -9.40 -24.50 17.27
CA ASP A 227 -8.34 -25.51 17.31
C ASP A 227 -7.47 -25.37 18.57
N GLY A 228 -7.77 -24.39 19.42
CA GLY A 228 -7.11 -24.25 20.71
C GLY A 228 -5.67 -23.74 20.61
N ARG A 229 -5.35 -23.06 19.50
CA ARG A 229 -3.99 -22.63 19.22
C ARG A 229 -3.74 -21.26 19.83
N VAL A 230 -2.56 -21.11 20.45
CA VAL A 230 -2.16 -19.86 21.10
C VAL A 230 -1.66 -18.89 20.02
N LEU A 231 -2.34 -17.74 19.92
CA LEU A 231 -2.03 -16.75 18.90
C LEU A 231 -1.21 -15.63 19.55
N LEU A 232 -1.66 -15.22 20.74
CA LEU A 232 -1.00 -14.20 21.53
C LEU A 232 -0.72 -14.77 22.92
N ASN A 233 0.48 -14.49 23.44
CA ASN A 233 0.83 -14.84 24.79
C ASN A 233 1.86 -13.84 25.31
N THR A 234 1.39 -12.83 26.05
CA THR A 234 2.27 -11.72 26.40
C THR A 234 3.08 -12.04 27.66
N THR A 235 2.95 -13.29 28.15
CA THR A 235 3.66 -13.70 29.35
C THR A 235 5.12 -14.02 29.04
N VAL A 236 5.45 -14.14 27.75
CA VAL A 236 6.73 -14.66 27.32
C VAL A 236 7.86 -13.77 27.83
N ALA A 237 7.53 -12.53 28.21
CA ALA A 237 8.51 -11.53 28.56
C ALA A 237 7.88 -10.46 29.45
N PRO A 238 8.68 -9.68 30.21
CA PRO A 238 8.14 -8.66 31.11
C PRO A 238 7.41 -7.59 30.31
N LEU A 239 6.42 -6.96 30.96
CA LEU A 239 5.79 -5.77 30.44
C LEU A 239 6.55 -4.54 30.97
N PHE A 240 7.01 -3.71 30.04
CA PHE A 240 7.60 -2.43 30.39
C PHE A 240 6.61 -1.35 30.03
N PHE A 241 6.44 -0.37 30.91
CA PHE A 241 5.56 0.75 30.64
C PHE A 241 6.09 1.98 31.38
N ALA A 242 7.11 2.61 30.78
CA ALA A 242 7.65 3.85 31.30
C ALA A 242 7.18 4.99 30.40
N ASP A 243 7.40 6.23 30.85
CA ASP A 243 6.89 7.40 30.15
C ASP A 243 7.29 7.35 28.67
N GLN A 244 8.55 7.04 28.39
CA GLN A 244 9.02 7.03 27.01
C GLN A 244 9.52 5.64 26.61
N PHE A 245 8.95 4.58 27.20
CA PHE A 245 9.32 3.23 26.79
C PHE A 245 8.23 2.24 27.15
N LEU A 246 7.53 1.74 26.13
CA LEU A 246 6.57 0.64 26.25
C LEU A 246 7.17 -0.60 25.60
N GLN A 247 7.14 -1.73 26.32
CA GLN A 247 7.48 -3.00 25.70
C GLN A 247 6.43 -4.06 26.00
N LEU A 248 5.87 -4.63 24.92
CA LEU A 248 4.95 -5.75 24.98
C LEU A 248 5.43 -6.82 24.02
N SER A 249 5.52 -8.07 24.50
CA SER A 249 6.01 -9.18 23.70
C SER A 249 4.94 -10.25 23.55
N THR A 250 5.10 -11.14 22.58
CA THR A 250 4.24 -12.29 22.41
C THR A 250 4.98 -13.39 21.66
N SER A 251 4.60 -14.65 21.92
CA SER A 251 4.96 -15.74 21.03
C SER A 251 4.19 -15.56 19.71
N LEU A 252 4.78 -16.11 18.64
CA LEU A 252 4.13 -16.13 17.33
C LEU A 252 3.73 -17.57 17.03
N PRO A 253 2.66 -17.80 16.24
CA PRO A 253 2.18 -19.16 15.98
C PRO A 253 3.04 -19.93 14.97
N SER A 254 3.83 -19.21 14.17
CA SER A 254 4.71 -19.84 13.18
C SER A 254 5.84 -18.88 12.82
N GLN A 255 6.73 -19.32 11.93
CA GLN A 255 7.85 -18.50 11.49
C GLN A 255 7.40 -17.50 10.41
N TYR A 256 6.10 -17.49 10.11
CA TYR A 256 5.59 -16.77 8.94
C TYR A 256 4.76 -15.55 9.35
N ILE A 257 5.37 -14.38 9.19
CA ILE A 257 4.78 -13.10 9.56
C ILE A 257 5.06 -12.09 8.45
N THR A 258 4.06 -11.25 8.17
CA THR A 258 4.20 -10.19 7.19
C THR A 258 3.58 -8.91 7.75
N GLY A 259 4.05 -7.76 7.25
CA GLY A 259 3.55 -6.47 7.69
C GLY A 259 4.70 -5.55 8.11
N LEU A 260 4.38 -4.56 8.95
CA LEU A 260 5.36 -3.65 9.54
C LEU A 260 6.12 -2.88 8.46
N ALA A 261 5.38 -2.29 7.52
CA ALA A 261 5.95 -1.38 6.53
C ALA A 261 6.43 -0.11 7.24
N GLU A 262 7.33 0.65 6.60
CA GLU A 262 7.76 0.47 5.23
C GLU A 262 9.25 0.11 5.20
N HIS A 263 9.55 -1.10 4.71
CA HIS A 263 10.92 -1.58 4.63
C HIS A 263 11.14 -2.32 3.33
N LEU A 264 12.39 -2.29 2.83
CA LEU A 264 12.76 -3.10 1.67
C LEU A 264 13.11 -4.49 2.17
N SER A 265 12.18 -5.43 2.00
CA SER A 265 12.27 -6.72 2.62
C SER A 265 11.46 -7.72 1.81
N PRO A 266 11.68 -9.06 1.97
CA PRO A 266 10.74 -10.04 1.43
C PRO A 266 9.36 -9.82 2.05
N LEU A 267 8.33 -10.41 1.44
CA LEU A 267 6.98 -10.25 1.95
C LEU A 267 6.89 -10.87 3.35
N MET A 268 7.50 -12.04 3.50
CA MET A 268 7.59 -12.73 4.78
C MET A 268 8.85 -12.26 5.50
N LEU A 269 8.68 -11.70 6.69
CA LEU A 269 9.77 -11.08 7.44
C LEU A 269 10.63 -12.15 8.09
N SER A 270 11.95 -11.87 8.13
CA SER A 270 12.93 -12.73 8.77
C SER A 270 12.75 -12.69 10.29
N THR A 271 12.78 -13.87 10.92
CA THR A 271 12.62 -13.92 12.37
C THR A 271 13.96 -14.17 13.06
N SER A 272 15.07 -13.97 12.34
CA SER A 272 16.40 -14.18 12.88
C SER A 272 16.92 -12.91 13.54
N TRP A 273 16.32 -12.55 14.67
CA TRP A 273 16.77 -11.39 15.43
C TRP A 273 16.72 -10.15 14.55
N THR A 274 15.55 -9.87 14.00
CA THR A 274 15.37 -8.74 13.10
C THR A 274 14.80 -7.56 13.88
N ARG A 275 15.44 -6.40 13.74
CA ARG A 275 14.93 -5.18 14.34
C ARG A 275 14.30 -4.33 13.23
N ILE A 276 12.97 -4.16 13.31
CA ILE A 276 12.25 -3.38 12.31
C ILE A 276 11.84 -2.06 12.95
N THR A 277 12.35 -0.95 12.38
CA THR A 277 12.18 0.37 12.96
C THR A 277 11.11 1.15 12.19
N LEU A 278 10.11 1.64 12.92
CA LEU A 278 9.03 2.44 12.35
C LEU A 278 9.22 3.90 12.76
N TRP A 279 9.86 4.66 11.87
CA TRP A 279 10.04 6.10 12.01
C TRP A 279 10.18 6.70 10.62
N ASN A 280 9.13 7.41 10.17
CA ASN A 280 9.07 7.89 8.80
C ASN A 280 10.33 8.69 8.50
N ARG A 281 11.00 8.32 7.41
CA ARG A 281 12.32 8.86 7.13
C ARG A 281 12.53 8.93 5.62
N ASP A 282 13.03 10.09 5.15
CA ASP A 282 13.39 10.26 3.75
C ASP A 282 14.74 9.58 3.51
N LEU A 283 14.69 8.41 2.88
CA LEU A 283 15.88 7.67 2.50
C LEU A 283 15.57 6.80 1.29
N ALA A 284 16.51 6.73 0.35
CA ALA A 284 16.34 5.89 -0.83
C ALA A 284 16.23 4.44 -0.37
N PRO A 285 15.17 3.71 -0.78
CA PRO A 285 14.92 2.36 -0.28
C PRO A 285 16.16 1.47 -0.30
N THR A 286 16.49 0.94 0.89
CA THR A 286 17.61 0.04 1.09
C THR A 286 17.24 -0.88 2.25
N PRO A 287 17.77 -2.13 2.31
CA PRO A 287 17.41 -3.06 3.40
C PRO A 287 17.92 -2.60 4.77
N GLY A 288 17.14 -2.91 5.81
CA GLY A 288 17.53 -2.71 7.20
C GLY A 288 17.37 -1.27 7.67
N ALA A 289 16.61 -0.46 6.91
CA ALA A 289 16.47 0.96 7.21
C ALA A 289 15.00 1.31 7.36
N ASN A 290 14.72 2.27 8.26
CA ASN A 290 13.39 2.86 8.35
C ASN A 290 13.17 3.73 7.11
N LEU A 291 12.05 3.49 6.41
CA LEU A 291 11.75 4.25 5.19
C LEU A 291 10.60 5.21 5.43
N TYR A 292 9.85 5.49 4.36
CA TYR A 292 8.98 6.66 4.32
C TYR A 292 7.76 6.51 5.21
N GLY A 293 7.32 5.26 5.47
CA GLY A 293 6.06 5.05 6.17
C GLY A 293 6.16 4.08 7.34
N SER A 294 5.12 4.08 8.18
CA SER A 294 5.07 3.23 9.35
C SER A 294 3.67 2.63 9.50
N HIS A 295 3.59 1.30 9.42
CA HIS A 295 2.33 0.59 9.60
C HIS A 295 2.50 -0.48 10.67
N PRO A 296 2.08 -0.21 11.93
CA PRO A 296 2.27 -1.14 13.04
C PRO A 296 1.23 -2.26 13.02
N PHE A 297 1.26 -3.04 11.95
CA PHE A 297 0.32 -4.14 11.79
C PHE A 297 1.08 -5.35 11.26
N TYR A 298 0.74 -6.53 11.78
CA TYR A 298 1.26 -7.75 11.20
C TYR A 298 0.15 -8.77 11.01
N LEU A 299 0.36 -9.65 10.03
CA LEU A 299 -0.47 -10.79 9.76
C LEU A 299 0.39 -12.04 9.94
N ALA A 300 -0.09 -12.98 10.74
CA ALA A 300 0.68 -14.16 11.07
C ALA A 300 -0.03 -15.41 10.58
N LEU A 301 0.72 -16.27 9.88
CA LEU A 301 0.16 -17.50 9.34
C LEU A 301 0.28 -18.60 10.40
N GLU A 302 -0.73 -19.46 10.44
CA GLU A 302 -0.77 -20.61 11.33
C GLU A 302 -0.76 -21.88 10.49
N ASP A 303 -0.11 -22.91 11.01
CA ASP A 303 -0.10 -24.22 10.36
C ASP A 303 -1.52 -24.57 9.94
N GLY A 304 -1.70 -24.91 8.65
CA GLY A 304 -2.99 -25.32 8.16
C GLY A 304 -3.67 -24.28 7.28
N GLY A 305 -3.20 -23.03 7.35
CA GLY A 305 -3.64 -21.99 6.43
C GLY A 305 -4.57 -20.96 7.07
N SER A 306 -4.79 -21.08 8.39
CA SER A 306 -5.45 -20.01 9.12
C SER A 306 -4.43 -18.91 9.42
N ALA A 307 -4.94 -17.74 9.81
CA ALA A 307 -4.11 -16.57 10.04
C ALA A 307 -4.83 -15.65 11.03
N HIS A 308 -4.05 -14.77 11.67
CA HIS A 308 -4.62 -13.69 12.45
C HIS A 308 -3.80 -12.43 12.24
N GLY A 309 -4.39 -11.29 12.60
CA GLY A 309 -3.69 -10.02 12.52
C GLY A 309 -3.63 -9.33 13.87
N VAL A 310 -2.54 -8.59 14.08
CA VAL A 310 -2.39 -7.76 15.27
C VAL A 310 -2.04 -6.34 14.82
N PHE A 311 -2.75 -5.37 15.39
CA PHE A 311 -2.51 -3.96 15.12
C PHE A 311 -2.26 -3.26 16.45
N LEU A 312 -1.15 -2.51 16.51
CA LEU A 312 -0.84 -1.69 17.67
C LEU A 312 -1.03 -0.22 17.30
N LEU A 313 -2.15 0.37 17.75
CA LEU A 313 -2.46 1.74 17.40
C LEU A 313 -1.55 2.67 18.22
N ASN A 314 -0.37 2.91 17.66
CA ASN A 314 0.67 3.69 18.31
C ASN A 314 1.51 4.34 17.21
N SER A 315 1.66 5.68 17.29
CA SER A 315 2.30 6.41 16.21
C SER A 315 3.69 6.91 16.63
N ASN A 316 4.17 6.44 17.78
CA ASN A 316 5.48 6.86 18.25
C ASN A 316 6.54 6.05 17.51
N ALA A 317 7.77 6.58 17.46
CA ALA A 317 8.91 5.82 16.97
C ALA A 317 8.98 4.49 17.72
N MET A 318 9.17 3.39 16.99
CA MET A 318 9.23 2.11 17.67
C MET A 318 10.15 1.13 16.93
N ASP A 319 10.64 0.14 17.69
CA ASP A 319 11.28 -1.04 17.14
C ASP A 319 10.33 -2.23 17.32
N VAL A 320 10.31 -3.11 16.31
CA VAL A 320 9.70 -4.40 16.45
C VAL A 320 10.79 -5.46 16.28
N VAL A 321 11.01 -6.26 17.33
CA VAL A 321 12.08 -7.23 17.34
C VAL A 321 11.48 -8.63 17.20
N LEU A 322 11.96 -9.37 16.18
CA LEU A 322 11.50 -10.72 15.90
C LEU A 322 12.61 -11.70 16.27
N GLN A 323 12.26 -12.79 16.96
CA GLN A 323 13.24 -13.82 17.27
C GLN A 323 12.71 -15.19 16.86
N PRO A 324 13.61 -16.20 16.69
CA PRO A 324 13.24 -17.47 16.07
C PRO A 324 12.45 -18.48 16.91
N SER A 325 12.04 -18.09 18.12
CA SER A 325 11.39 -19.01 19.04
C SER A 325 10.12 -19.67 18.48
N PRO A 326 9.24 -18.99 17.70
CA PRO A 326 9.38 -17.58 17.36
C PRO A 326 8.50 -16.65 18.19
N ALA A 327 8.94 -15.38 18.28
CA ALA A 327 8.27 -14.40 19.12
C ALA A 327 8.54 -12.99 18.59
N LEU A 328 7.82 -12.00 19.13
CA LEU A 328 7.86 -10.63 18.67
C LEU A 328 7.77 -9.69 19.87
N SER A 329 8.49 -8.57 19.80
CA SER A 329 8.43 -7.54 20.83
C SER A 329 8.19 -6.17 20.20
N TRP A 330 7.11 -5.50 20.64
CA TRP A 330 6.91 -4.09 20.35
C TRP A 330 7.69 -3.25 21.37
N ARG A 331 8.54 -2.33 20.88
CA ARG A 331 9.18 -1.36 21.73
C ARG A 331 8.84 0.04 21.21
N SER A 332 7.91 0.72 21.88
CA SER A 332 7.52 2.07 21.49
C SER A 332 8.13 3.08 22.46
N THR A 333 8.25 4.33 22.01
CA THR A 333 8.89 5.39 22.77
C THR A 333 7.85 6.34 23.37
N GLY A 334 6.56 5.98 23.32
CA GLY A 334 5.55 6.77 23.98
C GLY A 334 4.14 6.22 23.77
N GLY A 335 3.14 7.04 24.12
CA GLY A 335 1.76 6.67 23.88
C GLY A 335 1.30 5.60 24.88
N ILE A 336 0.35 4.77 24.43
CA ILE A 336 -0.20 3.70 25.24
C ILE A 336 -0.10 2.41 24.42
N LEU A 337 -0.46 1.28 25.03
CA LEU A 337 -0.66 0.05 24.29
C LEU A 337 -2.13 -0.07 23.93
N ASP A 338 -2.41 0.03 22.63
CA ASP A 338 -3.76 -0.08 22.11
C ASP A 338 -3.73 -1.17 21.04
N VAL A 339 -4.20 -2.37 21.41
CA VAL A 339 -3.95 -3.56 20.61
C VAL A 339 -5.27 -4.11 20.08
N TYR A 340 -5.31 -4.35 18.77
CA TYR A 340 -6.39 -5.07 18.13
C TYR A 340 -5.88 -6.40 17.62
N ILE A 341 -6.67 -7.46 17.85
CA ILE A 341 -6.39 -8.77 17.27
C ILE A 341 -7.55 -9.16 16.37
N PHE A 342 -7.21 -9.54 15.13
CA PHE A 342 -8.20 -9.97 14.15
C PHE A 342 -8.04 -11.47 13.92
N LEU A 343 -9.17 -12.19 13.92
CA LEU A 343 -9.13 -13.64 14.06
C LEU A 343 -9.23 -14.36 12.72
N GLY A 344 -9.56 -13.63 11.64
CA GLY A 344 -9.67 -14.24 10.32
C GLY A 344 -10.94 -15.09 10.20
N PRO A 345 -10.84 -16.42 9.99
CA PRO A 345 -9.55 -17.13 9.99
C PRO A 345 -8.75 -17.07 8.70
N GLU A 346 -9.40 -16.69 7.60
CA GLU A 346 -8.75 -16.60 6.29
C GLU A 346 -7.88 -15.35 6.25
N PRO A 347 -6.66 -15.44 5.67
CA PRO A 347 -5.82 -14.26 5.45
C PRO A 347 -6.52 -13.06 4.82
N LYS A 348 -7.48 -13.32 3.91
CA LYS A 348 -8.23 -12.24 3.29
C LYS A 348 -9.14 -11.58 4.32
N SER A 349 -9.70 -12.39 5.22
CA SER A 349 -10.59 -11.88 6.26
C SER A 349 -9.81 -11.08 7.29
N VAL A 350 -8.54 -11.45 7.51
CA VAL A 350 -7.72 -10.71 8.46
C VAL A 350 -7.57 -9.29 7.93
N VAL A 351 -7.19 -9.19 6.66
CA VAL A 351 -7.00 -7.91 5.99
C VAL A 351 -8.30 -7.12 6.08
N GLN A 352 -9.41 -7.77 5.74
CA GLN A 352 -10.71 -7.12 5.74
C GLN A 352 -11.03 -6.63 7.15
N GLN A 353 -10.70 -7.44 8.17
CA GLN A 353 -11.02 -7.11 9.55
C GLN A 353 -10.19 -5.93 10.02
N TYR A 354 -8.92 -5.89 9.59
CA TYR A 354 -8.01 -4.80 9.90
C TYR A 354 -8.51 -3.50 9.26
N LEU A 355 -9.03 -3.61 8.03
CA LEU A 355 -9.48 -2.43 7.31
C LEU A 355 -10.82 -1.92 7.86
N ASP A 356 -11.56 -2.78 8.55
CA ASP A 356 -12.77 -2.36 9.26
C ASP A 356 -12.43 -1.27 10.27
N VAL A 357 -11.19 -1.32 10.80
CA VAL A 357 -10.76 -0.40 11.84
C VAL A 357 -10.10 0.82 11.21
N VAL A 358 -9.16 0.60 10.27
CA VAL A 358 -8.36 1.70 9.78
C VAL A 358 -9.05 2.39 8.59
N GLY A 359 -10.01 1.69 7.96
CA GLY A 359 -10.77 2.27 6.86
C GLY A 359 -10.54 1.51 5.55
N TYR A 360 -11.62 1.32 4.78
CA TYR A 360 -11.56 0.70 3.48
C TYR A 360 -10.89 1.66 2.51
N PRO A 361 -10.09 1.15 1.53
CA PRO A 361 -9.44 2.01 0.54
C PRO A 361 -10.41 2.89 -0.23
N PHE A 362 -9.96 4.10 -0.58
CA PHE A 362 -10.76 5.04 -1.36
C PHE A 362 -10.94 4.51 -2.78
N MET A 363 -11.97 5.00 -3.47
CA MET A 363 -12.21 4.61 -4.85
C MET A 363 -11.55 5.62 -5.78
N PRO A 364 -10.49 5.23 -6.51
CA PRO A 364 -9.81 6.18 -7.40
C PRO A 364 -10.72 6.53 -8.57
N PRO A 365 -10.46 7.66 -9.26
CA PRO A 365 -11.10 7.93 -10.54
C PRO A 365 -10.53 6.94 -11.54
N TYR A 366 -11.36 6.53 -12.52
CA TYR A 366 -10.98 5.56 -13.53
C TYR A 366 -9.67 5.98 -14.18
N TRP A 367 -9.51 7.28 -14.45
CA TRP A 367 -8.36 7.77 -15.19
C TRP A 367 -7.07 7.56 -14.41
N GLY A 368 -7.19 7.49 -13.07
CA GLY A 368 -6.04 7.26 -12.21
C GLY A 368 -5.38 5.92 -12.48
N LEU A 369 -6.15 4.99 -13.06
CA LEU A 369 -5.69 3.64 -13.34
C LEU A 369 -4.94 3.58 -14.68
N GLY A 370 -4.99 4.67 -15.45
CA GLY A 370 -4.26 4.73 -16.70
C GLY A 370 -2.75 4.90 -16.48
N PHE A 371 -2.03 5.17 -17.57
CA PHE A 371 -0.58 5.33 -17.52
C PHE A 371 -0.24 6.77 -17.16
N HIS A 372 0.65 6.93 -16.18
CA HIS A 372 1.18 8.20 -15.74
C HIS A 372 2.63 8.32 -16.20
N LEU A 373 2.99 9.48 -16.75
CA LEU A 373 4.36 9.73 -17.18
C LEU A 373 4.86 11.02 -16.53
N CYS A 374 6.08 10.95 -15.98
CA CYS A 374 6.66 12.07 -15.28
C CYS A 374 8.18 11.96 -15.32
N ARG A 375 8.84 13.11 -15.10
CA ARG A 375 10.25 13.12 -14.76
C ARG A 375 10.59 14.48 -14.17
N TRP A 376 11.71 14.53 -13.47
CA TRP A 376 12.30 15.79 -13.08
C TRP A 376 13.22 16.23 -14.23
N GLY A 377 12.86 17.34 -14.87
CA GLY A 377 13.64 17.85 -15.99
C GLY A 377 12.79 18.20 -17.21
N TYR A 378 11.46 18.12 -17.08
CA TYR A 378 10.59 18.74 -18.07
C TYR A 378 10.47 20.22 -17.72
N SER A 379 11.45 21.01 -18.17
CA SER A 379 11.70 22.33 -17.64
C SER A 379 10.87 23.41 -18.34
N SER A 380 10.00 23.01 -19.28
CA SER A 380 9.13 23.98 -19.94
C SER A 380 7.82 23.33 -20.31
N THR A 381 6.81 24.15 -20.62
CA THR A 381 5.54 23.66 -21.13
C THR A 381 5.72 23.10 -22.53
N ALA A 382 6.74 23.61 -23.24
CA ALA A 382 7.03 23.18 -24.60
C ALA A 382 7.56 21.75 -24.59
N ILE A 383 8.52 21.49 -23.68
CA ILE A 383 9.06 20.15 -23.51
C ILE A 383 7.93 19.22 -23.04
N THR A 384 7.13 19.68 -22.08
CA THR A 384 6.05 18.88 -21.52
C THR A 384 5.07 18.48 -22.62
N ARG A 385 4.71 19.44 -23.49
CA ARG A 385 3.82 19.18 -24.61
C ARG A 385 4.42 18.12 -25.53
N GLN A 386 5.75 18.14 -25.70
CA GLN A 386 6.43 17.20 -26.58
C GLN A 386 6.28 15.77 -26.06
N VAL A 387 6.23 15.60 -24.73
CA VAL A 387 6.10 14.28 -24.14
C VAL A 387 4.80 13.63 -24.61
N VAL A 388 3.71 14.40 -24.59
CA VAL A 388 2.39 13.91 -24.97
C VAL A 388 2.36 13.67 -26.48
N GLU A 389 3.02 14.57 -27.21
CA GLU A 389 3.12 14.50 -28.66
C GLU A 389 3.84 13.21 -29.04
N ASN A 390 4.96 12.95 -28.37
CA ASN A 390 5.87 11.86 -28.70
C ASN A 390 5.23 10.52 -28.32
N MET A 391 4.44 10.53 -27.25
CA MET A 391 3.74 9.32 -26.82
C MET A 391 2.63 9.00 -27.81
N THR A 392 1.92 10.04 -28.27
CA THR A 392 0.80 9.89 -29.17
C THR A 392 1.30 9.44 -30.54
N ARG A 393 2.44 10.00 -30.97
CA ARG A 393 3.04 9.67 -32.25
C ARG A 393 3.32 8.16 -32.35
N ALA A 394 3.70 7.54 -31.22
CA ALA A 394 4.20 6.18 -31.22
C ALA A 394 3.16 5.18 -30.70
N HIS A 395 1.92 5.67 -30.52
CA HIS A 395 0.77 4.85 -30.17
C HIS A 395 0.87 4.31 -28.74
N PHE A 396 1.53 5.05 -27.85
CA PHE A 396 1.55 4.69 -26.45
C PHE A 396 0.43 5.40 -25.71
N PRO A 397 -0.44 4.68 -24.98
CA PRO A 397 -1.47 5.32 -24.18
C PRO A 397 -0.81 6.18 -23.09
N LEU A 398 -1.45 7.31 -22.77
CA LEU A 398 -1.03 8.15 -21.67
C LEU A 398 -2.26 8.92 -21.15
N ASP A 399 -2.61 8.70 -19.88
CA ASP A 399 -3.79 9.32 -19.31
C ASP A 399 -3.42 10.60 -18.58
N VAL A 400 -2.28 10.59 -17.87
CA VAL A 400 -1.93 11.71 -17.02
C VAL A 400 -0.48 12.14 -17.30
N GLN A 401 -0.30 13.44 -17.56
CA GLN A 401 1.01 14.06 -17.65
C GLN A 401 1.32 14.72 -16.31
N TRP A 402 2.56 14.55 -15.84
CA TRP A 402 2.96 15.05 -14.53
C TRP A 402 4.07 16.08 -14.69
N ASN A 403 4.23 16.94 -13.67
CA ASN A 403 5.42 17.78 -13.57
C ASN A 403 5.97 17.71 -12.15
N ASP A 404 7.31 17.75 -12.05
CA ASP A 404 8.03 17.80 -10.80
C ASP A 404 8.28 19.28 -10.49
N LEU A 405 9.37 19.58 -9.76
CA LEU A 405 9.69 20.91 -9.27
C LEU A 405 9.78 21.94 -10.40
N ASP A 406 9.86 21.46 -11.64
CA ASP A 406 10.15 22.29 -12.80
C ASP A 406 9.17 23.44 -12.92
N TYR A 407 7.88 23.19 -12.63
CA TYR A 407 6.82 24.13 -12.94
C TYR A 407 6.90 25.36 -12.05
N MET A 408 7.45 25.18 -10.84
CA MET A 408 7.35 26.16 -9.78
C MET A 408 8.22 27.37 -10.06
N ASP A 409 7.89 28.47 -9.37
CA ASP A 409 8.74 29.65 -9.34
C ASP A 409 9.62 29.61 -8.09
N SER A 410 10.93 29.37 -8.31
CA SER A 410 11.91 29.24 -7.25
C SER A 410 11.55 28.11 -6.30
N ARG A 411 10.96 27.04 -6.87
CA ARG A 411 10.73 25.80 -6.14
C ARG A 411 9.76 26.00 -4.99
N ARG A 412 8.79 26.91 -5.16
CA ARG A 412 7.78 27.18 -4.16
C ARG A 412 6.41 26.67 -4.61
N ASP A 413 5.66 26.06 -3.68
CA ASP A 413 4.30 25.63 -3.89
C ASP A 413 3.44 26.80 -4.37
N PHE A 414 2.41 26.47 -5.15
CA PHE A 414 1.30 27.36 -5.46
C PHE A 414 1.81 28.56 -6.26
N THR A 415 2.83 28.32 -7.08
CA THR A 415 3.35 29.31 -8.03
C THR A 415 3.74 28.60 -9.31
N PHE A 416 3.90 29.38 -10.39
CA PHE A 416 4.57 28.87 -11.57
C PHE A 416 5.50 29.94 -12.13
N ASN A 417 6.65 29.51 -12.67
CA ASN A 417 7.63 30.45 -13.20
C ASN A 417 7.13 31.01 -14.52
N LYS A 418 7.65 32.19 -14.90
CA LYS A 418 7.18 32.89 -16.09
C LYS A 418 8.21 32.77 -17.21
N ASP A 419 9.13 31.79 -17.08
CA ASP A 419 10.03 31.42 -18.15
C ASP A 419 9.38 30.31 -18.99
N GLY A 420 9.76 29.06 -18.68
CA GLY A 420 9.28 27.90 -19.41
C GLY A 420 7.85 27.52 -19.07
N PHE A 421 7.25 28.19 -18.08
CA PHE A 421 5.91 27.83 -17.64
C PHE A 421 4.96 29.03 -17.68
N ARG A 422 5.32 30.05 -18.48
CA ARG A 422 4.51 31.26 -18.60
C ARG A 422 3.08 30.92 -18.99
N ASP A 423 2.90 29.86 -19.80
CA ASP A 423 1.60 29.48 -20.33
C ASP A 423 1.14 28.16 -19.72
N PHE A 424 1.48 27.97 -18.44
CA PHE A 424 1.13 26.78 -17.68
C PHE A 424 -0.37 26.50 -17.79
N PRO A 425 -1.26 27.48 -17.49
CA PRO A 425 -2.70 27.22 -17.49
C PRO A 425 -3.20 26.70 -18.83
N ALA A 426 -2.64 27.24 -19.91
CA ALA A 426 -3.09 26.88 -21.25
C ALA A 426 -2.69 25.45 -21.59
N MET A 427 -1.51 25.04 -21.08
CA MET A 427 -1.03 23.70 -21.32
C MET A 427 -1.99 22.68 -20.69
N VAL A 428 -2.38 22.94 -19.44
CA VAL A 428 -3.24 22.04 -18.70
C VAL A 428 -4.63 22.00 -19.34
N GLN A 429 -5.13 23.18 -19.74
CA GLN A 429 -6.40 23.28 -20.44
C GLN A 429 -6.36 22.45 -21.71
N GLU A 430 -5.22 22.45 -22.40
CA GLU A 430 -5.04 21.70 -23.64
C GLU A 430 -5.07 20.20 -23.37
N LEU A 431 -4.42 19.76 -22.28
CA LEU A 431 -4.42 18.35 -21.93
C LEU A 431 -5.86 17.87 -21.76
N HIS A 432 -6.68 18.68 -21.10
CA HIS A 432 -8.07 18.34 -20.85
C HIS A 432 -8.82 18.18 -22.17
N GLN A 433 -8.57 19.11 -23.09
CA GLN A 433 -9.23 19.12 -24.40
C GLN A 433 -8.93 17.81 -25.13
N GLY A 434 -7.74 17.26 -24.91
CA GLY A 434 -7.33 16.00 -25.52
C GLY A 434 -7.87 14.77 -24.79
N GLY A 435 -8.49 14.98 -23.62
CA GLY A 435 -9.08 13.89 -22.85
C GLY A 435 -8.10 13.30 -21.84
N ARG A 436 -7.10 14.11 -21.42
CA ARG A 436 -6.08 13.67 -20.48
C ARG A 436 -6.15 14.50 -19.20
N ARG A 437 -5.38 14.09 -18.19
CA ARG A 437 -5.37 14.77 -16.90
C ARG A 437 -3.96 15.23 -16.56
N TYR A 438 -3.86 16.05 -15.52
CA TYR A 438 -2.60 16.65 -15.11
C TYR A 438 -2.39 16.50 -13.61
N MET A 439 -1.15 16.14 -13.25
CA MET A 439 -0.70 16.01 -11.86
C MET A 439 0.60 16.80 -11.70
N MET A 440 0.76 17.48 -10.56
CA MET A 440 2.03 18.14 -10.27
C MET A 440 2.42 17.96 -8.81
N ILE A 441 3.71 18.10 -8.53
CA ILE A 441 4.25 17.85 -7.20
C ILE A 441 3.86 19.00 -6.28
N VAL A 442 3.64 18.65 -5.01
CA VAL A 442 3.43 19.63 -3.95
C VAL A 442 4.26 19.19 -2.74
N ASP A 443 5.04 20.13 -2.19
CA ASP A 443 5.79 19.88 -0.98
C ASP A 443 5.04 20.45 0.23
N PRO A 444 5.31 19.95 1.45
CA PRO A 444 4.67 20.48 2.65
C PRO A 444 5.29 21.81 3.08
N ALA A 445 6.61 21.91 2.97
CA ALA A 445 7.35 23.05 3.49
C ALA A 445 7.06 24.29 2.65
N ILE A 446 6.87 25.43 3.34
CA ILE A 446 6.48 26.69 2.76
C ILE A 446 7.61 27.70 2.95
N SER A 447 8.02 28.34 1.84
CA SER A 447 9.11 29.30 1.85
C SER A 447 8.82 30.45 2.82
N SER A 448 9.77 30.71 3.71
CA SER A 448 9.59 31.68 4.77
C SER A 448 10.48 32.91 4.58
N SER A 449 11.29 32.90 3.52
CA SER A 449 12.39 33.87 3.43
C SER A 449 12.00 35.04 2.54
N GLY A 450 10.87 34.91 1.83
CA GLY A 450 10.45 35.94 0.89
C GLY A 450 10.11 37.25 1.60
N PRO A 451 10.14 38.40 0.89
CA PRO A 451 9.67 39.68 1.44
C PRO A 451 8.21 39.57 1.87
N ALA A 452 7.88 40.18 3.01
CA ALA A 452 6.54 40.14 3.54
C ALA A 452 5.55 40.69 2.51
N GLY A 453 4.43 39.98 2.32
CA GLY A 453 3.39 40.42 1.41
C GLY A 453 3.61 39.95 -0.03
N SER A 454 4.73 39.27 -0.28
CA SER A 454 5.10 38.88 -1.64
C SER A 454 4.79 37.41 -1.94
N TYR A 455 4.55 36.60 -0.90
CA TYR A 455 4.27 35.19 -1.09
C TYR A 455 3.12 34.74 -0.16
N ARG A 456 1.92 34.64 -0.73
CA ARG A 456 0.68 34.55 0.02
C ARG A 456 0.66 33.32 0.94
N PRO A 457 1.05 32.12 0.46
CA PRO A 457 0.96 30.90 1.28
C PRO A 457 1.66 31.05 2.63
N TYR A 458 2.82 31.70 2.65
CA TYR A 458 3.51 31.94 3.91
C TYR A 458 2.82 33.06 4.69
N ASP A 459 2.42 34.13 3.99
CA ASP A 459 1.85 35.31 4.61
C ASP A 459 0.54 34.94 5.33
N GLU A 460 -0.31 34.15 4.65
CA GLU A 460 -1.57 33.70 5.21
C GLU A 460 -1.31 32.68 6.32
N GLY A 461 -0.35 31.79 6.09
CA GLY A 461 0.00 30.78 7.09
C GLY A 461 0.39 31.44 8.40
N LEU A 462 1.17 32.52 8.28
CA LEU A 462 1.67 33.27 9.42
C LEU A 462 0.50 33.91 10.16
N ARG A 463 -0.42 34.48 9.38
CA ARG A 463 -1.55 35.21 9.93
C ARG A 463 -2.46 34.27 10.70
N ARG A 464 -2.54 33.01 10.26
CA ARG A 464 -3.56 32.11 10.76
C ARG A 464 -2.96 31.12 11.76
N GLY A 465 -1.62 31.13 11.88
CA GLY A 465 -0.91 30.30 12.83
C GLY A 465 -0.94 28.83 12.43
N VAL A 466 -0.65 28.55 11.15
CA VAL A 466 -0.81 27.21 10.60
C VAL A 466 0.48 26.40 10.75
N PHE A 467 1.58 27.03 11.16
CA PHE A 467 2.87 26.36 11.10
C PHE A 467 3.21 25.67 12.42
N ILE A 468 4.06 24.63 12.32
CA ILE A 468 4.63 23.99 13.48
C ILE A 468 5.57 24.98 14.15
N THR A 469 5.46 25.10 15.47
CA THR A 469 6.16 26.16 16.18
C THR A 469 7.22 25.56 17.10
N ASN A 470 8.17 26.41 17.52
CA ASN A 470 9.26 25.98 18.38
C ASN A 470 9.01 26.45 19.81
N GLU A 471 10.09 26.45 20.61
CA GLU A 471 10.02 26.63 22.06
C GLU A 471 9.47 28.01 22.39
N THR A 472 9.90 29.03 21.64
CA THR A 472 9.52 30.40 21.91
C THR A 472 8.20 30.75 21.21
N GLY A 473 7.69 29.82 20.40
CA GLY A 473 6.37 29.97 19.82
C GLY A 473 6.40 30.48 18.38
N GLN A 474 7.60 30.72 17.84
CA GLN A 474 7.73 31.13 16.45
C GLN A 474 7.75 29.89 15.56
N PRO A 475 7.46 30.03 14.24
CA PRO A 475 7.52 28.90 13.32
C PRO A 475 8.89 28.22 13.34
N LEU A 476 8.89 26.89 13.31
CA LEU A 476 10.13 26.16 13.17
C LEU A 476 10.59 26.25 11.73
N ILE A 477 11.83 26.71 11.53
CA ILE A 477 12.35 26.94 10.19
C ILE A 477 13.37 25.87 9.84
N GLY A 478 13.18 25.23 8.69
CA GLY A 478 14.13 24.25 8.18
C GLY A 478 14.63 24.66 6.79
N LYS A 479 15.34 23.73 6.13
CA LYS A 479 15.80 23.94 4.76
C LYS A 479 15.23 22.86 3.87
N VAL A 480 14.56 23.27 2.79
CA VAL A 480 14.17 22.34 1.74
C VAL A 480 14.41 23.01 0.38
N TRP A 481 13.59 22.68 -0.62
CA TRP A 481 13.88 23.09 -1.98
C TRP A 481 13.93 24.61 -2.13
N PRO A 482 12.90 25.38 -1.70
CA PRO A 482 12.92 26.82 -1.84
C PRO A 482 13.98 27.51 -0.98
N GLY A 483 14.53 26.78 -0.01
CA GLY A 483 15.44 27.34 0.97
C GLY A 483 14.84 27.26 2.37
N SER A 484 14.86 28.38 3.11
CA SER A 484 14.25 28.42 4.42
C SER A 484 12.74 28.20 4.30
N THR A 485 12.19 27.34 5.16
CA THR A 485 10.80 26.95 5.08
C THR A 485 10.22 26.72 6.47
N ALA A 486 8.91 26.98 6.59
CA ALA A 486 8.12 26.54 7.73
C ALA A 486 7.36 25.28 7.33
N PHE A 487 6.90 24.51 8.32
CA PHE A 487 6.17 23.29 8.06
C PHE A 487 4.74 23.42 8.58
N PRO A 488 3.71 23.25 7.71
CA PRO A 488 2.32 23.31 8.17
C PRO A 488 2.06 22.22 9.20
N ASP A 489 1.13 22.52 10.11
CA ASP A 489 0.67 21.57 11.12
C ASP A 489 -0.70 21.05 10.66
N PHE A 490 -0.74 19.82 10.16
CA PHE A 490 -1.96 19.35 9.53
C PHE A 490 -2.92 18.76 10.57
N THR A 491 -2.57 18.89 11.85
CA THR A 491 -3.50 18.52 12.92
C THR A 491 -4.28 19.76 13.37
N ASN A 492 -3.89 20.93 12.84
CA ASN A 492 -4.54 22.18 13.18
C ASN A 492 -5.73 22.39 12.23
N PRO A 493 -6.98 22.49 12.75
CA PRO A 493 -8.14 22.74 11.90
C PRO A 493 -7.97 23.96 11.00
N THR A 494 -7.29 24.99 11.52
CA THR A 494 -7.06 26.23 10.80
C THR A 494 -6.10 25.98 9.64
N ALA A 495 -5.11 25.11 9.87
CA ALA A 495 -4.18 24.71 8.83
C ALA A 495 -4.91 24.03 7.68
N LEU A 496 -5.93 23.23 8.02
CA LEU A 496 -6.69 22.51 7.00
C LEU A 496 -7.45 23.51 6.13
N ALA A 497 -7.99 24.55 6.76
CA ALA A 497 -8.75 25.58 6.06
C ALA A 497 -7.83 26.39 5.16
N TRP A 498 -6.61 26.64 5.64
CA TRP A 498 -5.60 27.40 4.90
C TRP A 498 -5.14 26.59 3.69
N TRP A 499 -4.96 25.27 3.87
CA TRP A 499 -4.52 24.39 2.81
C TRP A 499 -5.58 24.30 1.72
N GLU A 500 -6.86 24.26 2.14
CA GLU A 500 -7.99 24.18 1.22
C GLU A 500 -8.02 25.42 0.33
N ASP A 501 -7.71 26.59 0.93
CA ASP A 501 -7.71 27.86 0.23
C ASP A 501 -6.56 27.91 -0.78
N MET A 502 -5.37 27.47 -0.37
CA MET A 502 -4.21 27.54 -1.23
C MET A 502 -4.43 26.66 -2.46
N VAL A 503 -4.99 25.47 -2.24
CA VAL A 503 -5.28 24.52 -3.29
C VAL A 503 -6.37 25.07 -4.21
N ALA A 504 -7.44 25.61 -3.62
CA ALA A 504 -8.55 26.14 -4.39
C ALA A 504 -8.09 27.31 -5.25
N GLU A 505 -7.34 28.24 -4.64
CA GLU A 505 -6.88 29.45 -5.31
C GLU A 505 -5.94 29.08 -6.46
N PHE A 506 -5.04 28.13 -6.22
CA PHE A 506 -4.09 27.73 -7.24
C PHE A 506 -4.82 27.00 -8.37
N HIS A 507 -5.90 26.29 -8.03
CA HIS A 507 -6.68 25.55 -9.01
C HIS A 507 -7.40 26.51 -9.95
N ASP A 508 -7.79 27.69 -9.45
CA ASP A 508 -8.40 28.74 -10.26
C ASP A 508 -7.41 29.21 -11.31
N GLN A 509 -6.12 29.17 -10.98
CA GLN A 509 -5.08 29.54 -11.92
C GLN A 509 -4.81 28.38 -12.89
N VAL A 510 -4.59 27.18 -12.34
CA VAL A 510 -4.19 26.02 -13.13
C VAL A 510 -5.03 24.81 -12.69
N PRO A 511 -5.93 24.30 -13.57
CA PRO A 511 -6.85 23.23 -13.18
C PRO A 511 -6.27 21.83 -13.13
N PHE A 512 -5.30 21.61 -12.22
CA PHE A 512 -4.73 20.29 -12.01
C PHE A 512 -5.80 19.34 -11.50
N ASP A 513 -5.58 18.04 -11.68
CA ASP A 513 -6.62 17.05 -11.43
C ASP A 513 -6.33 16.23 -10.19
N GLY A 514 -5.13 16.40 -9.62
CA GLY A 514 -4.79 15.71 -8.39
C GLY A 514 -3.54 16.32 -7.78
N MET A 515 -3.05 15.69 -6.71
CA MET A 515 -1.87 16.20 -6.03
C MET A 515 -0.89 15.06 -5.76
N TRP A 516 0.36 15.30 -6.13
CA TRP A 516 1.49 14.45 -5.79
C TRP A 516 2.20 15.06 -4.58
N ILE A 517 1.94 14.50 -3.40
CA ILE A 517 2.46 15.09 -2.18
C ILE A 517 3.71 14.33 -1.74
N ASP A 518 4.83 15.05 -1.75
CA ASP A 518 6.15 14.49 -1.58
C ASP A 518 6.76 15.11 -0.33
N MET A 519 7.85 14.50 0.17
CA MET A 519 8.70 15.06 1.22
C MET A 519 7.94 15.19 2.54
N ASN A 520 6.91 14.36 2.74
CA ASN A 520 5.98 14.57 3.85
C ASN A 520 6.27 13.63 5.01
N GLU A 521 7.55 13.49 5.34
CA GLU A 521 7.97 12.64 6.43
C GLU A 521 7.72 13.30 7.79
N PRO A 522 7.96 14.63 7.99
CA PRO A 522 8.41 15.54 6.93
C PRO A 522 9.93 15.56 6.76
N SER A 523 10.36 15.81 5.52
CA SER A 523 11.76 15.76 5.14
C SER A 523 12.42 17.12 5.33
N ASN A 524 13.66 17.11 5.83
CA ASN A 524 14.41 18.31 6.16
C ASN A 524 15.86 18.12 5.73
N PHE A 525 16.42 19.09 4.99
CA PHE A 525 17.77 18.94 4.45
C PHE A 525 18.80 19.10 5.57
N ILE A 526 18.36 19.62 6.71
CA ILE A 526 19.25 19.80 7.85
C ILE A 526 18.64 19.09 9.05
N ARG A 527 19.44 18.94 10.11
CA ARG A 527 19.03 18.26 11.33
C ARG A 527 18.24 19.23 12.22
N GLY A 528 16.94 18.95 12.39
CA GLY A 528 16.09 19.67 13.33
C GLY A 528 15.53 20.97 12.74
N SER A 529 16.25 22.07 12.96
CA SER A 529 15.89 23.37 12.41
C SER A 529 17.17 24.18 12.21
N GLU A 530 17.05 25.34 11.55
CA GLU A 530 18.18 26.22 11.34
C GLU A 530 18.80 26.61 12.68
N ASP A 531 18.01 26.53 13.75
CA ASP A 531 18.43 27.01 15.06
C ASP A 531 18.74 25.84 15.98
N GLY A 532 19.03 24.68 15.38
CA GLY A 532 19.24 23.45 16.13
C GLY A 532 17.98 23.04 16.88
N CYS A 533 18.15 22.12 17.84
CA CYS A 533 17.03 21.68 18.66
C CYS A 533 17.41 21.83 20.13
N PRO A 534 16.43 22.09 21.03
CA PRO A 534 16.72 22.19 22.46
C PRO A 534 17.23 20.86 23.03
N ASN A 535 17.74 20.92 24.27
CA ASN A 535 18.20 19.74 24.96
C ASN A 535 17.13 19.30 25.95
N ASN A 536 16.33 18.30 25.57
CA ASN A 536 15.27 17.80 26.43
C ASN A 536 15.06 16.32 26.16
N GLU A 537 14.12 15.70 26.88
CA GLU A 537 13.92 14.26 26.85
C GLU A 537 13.26 13.83 25.55
N LEU A 538 12.56 14.75 24.87
CA LEU A 538 11.94 14.41 23.60
C LEU A 538 13.02 14.34 22.52
N GLU A 539 13.99 15.24 22.61
CA GLU A 539 15.06 15.32 21.62
C GLU A 539 16.11 14.25 21.90
N ASN A 540 16.33 13.94 23.19
CA ASN A 540 17.21 12.86 23.59
C ASN A 540 16.45 11.89 24.49
N PRO A 541 15.66 10.95 23.92
CA PRO A 541 14.87 10.01 24.72
C PRO A 541 15.76 8.92 25.32
N PRO A 542 15.31 8.24 26.40
CA PRO A 542 16.10 7.19 27.03
C PRO A 542 16.30 5.97 26.11
N TYR A 543 15.38 5.78 25.16
CA TYR A 543 15.52 4.72 24.19
C TYR A 543 15.36 5.30 22.78
N VAL A 544 16.41 5.15 21.96
CA VAL A 544 16.34 5.56 20.57
C VAL A 544 16.27 4.31 19.71
N PRO A 545 15.19 4.11 18.93
CA PRO A 545 15.08 2.97 18.03
C PRO A 545 16.18 3.02 16.96
N GLY A 546 16.34 1.92 16.22
CA GLY A 546 17.42 1.79 15.25
C GLY A 546 17.16 2.59 13.99
N VAL A 547 16.97 3.91 14.16
CA VAL A 547 16.72 4.79 13.03
C VAL A 547 18.06 5.12 12.37
N VAL A 548 18.01 5.35 11.06
CA VAL A 548 19.18 5.79 10.33
C VAL A 548 19.58 7.16 10.85
N GLY A 549 20.87 7.32 11.19
CA GLY A 549 21.37 8.57 11.73
C GLY A 549 21.47 8.55 13.25
N GLY A 550 20.79 7.59 13.89
CA GLY A 550 20.92 7.37 15.32
C GLY A 550 20.19 8.43 16.15
N THR A 551 19.40 9.28 15.50
CA THR A 551 18.65 10.33 16.16
C THR A 551 17.29 10.50 15.49
N LEU A 552 16.28 10.87 16.28
CA LEU A 552 14.95 11.11 15.76
C LEU A 552 14.92 12.39 14.92
N GLN A 553 15.97 13.22 14.99
CA GLN A 553 15.98 14.49 14.29
C GLN A 553 16.55 14.37 12.88
N ALA A 554 17.33 13.30 12.62
CA ALA A 554 18.00 13.17 11.34
C ALA A 554 16.99 13.32 10.20
N ALA A 555 17.26 14.29 9.31
CA ALA A 555 16.54 14.46 8.05
C ALA A 555 15.10 14.92 8.30
N THR A 556 14.82 15.40 9.51
CA THR A 556 13.48 15.83 9.85
C THR A 556 13.53 17.04 10.78
N ILE A 557 12.42 17.31 11.47
CA ILE A 557 12.32 18.48 12.32
C ILE A 557 12.40 18.04 13.79
N CYS A 558 12.55 19.01 14.69
CA CYS A 558 12.76 18.73 16.11
C CYS A 558 11.56 17.94 16.65
N ALA A 559 11.86 16.91 17.45
CA ALA A 559 10.86 16.06 18.07
C ALA A 559 10.00 16.85 19.06
N SER A 560 10.57 17.94 19.61
CA SER A 560 9.89 18.61 20.69
C SER A 560 9.10 19.82 20.19
N SER A 561 9.09 20.01 18.87
CA SER A 561 8.29 21.08 18.27
C SER A 561 6.81 20.84 18.53
N HIS A 562 6.01 21.91 18.37
CA HIS A 562 4.63 21.91 18.83
C HIS A 562 3.68 21.81 17.64
N GLN A 563 2.68 20.94 17.77
CA GLN A 563 1.54 20.89 16.87
C GLN A 563 0.26 21.06 17.68
N PHE A 564 -0.86 21.19 17.00
CA PHE A 564 -2.12 21.48 17.66
C PHE A 564 -2.47 20.35 18.63
N LEU A 565 -2.28 19.09 18.22
CA LEU A 565 -2.76 17.95 18.98
C LEU A 565 -1.71 17.46 19.97
N SER A 566 -0.43 17.72 19.69
CA SER A 566 0.63 17.21 20.54
C SER A 566 1.99 17.68 20.03
N THR A 567 3.05 17.17 20.66
CA THR A 567 4.40 17.38 20.19
C THR A 567 4.64 16.55 18.93
N HIS A 568 5.66 16.91 18.15
CA HIS A 568 6.00 16.19 16.95
C HIS A 568 6.46 14.77 17.30
N TYR A 569 7.08 14.65 18.47
CA TYR A 569 7.56 13.38 19.00
C TYR A 569 6.48 12.30 18.85
N ASN A 570 5.23 12.65 19.16
CA ASN A 570 4.12 11.71 19.12
C ASN A 570 3.52 11.62 17.71
N LEU A 571 3.58 12.73 16.95
CA LEU A 571 2.75 12.87 15.77
C LEU A 571 3.56 12.65 14.49
N HIS A 572 4.88 12.51 14.61
CA HIS A 572 5.76 12.48 13.45
C HIS A 572 5.28 11.46 12.42
N ASN A 573 4.88 10.26 12.89
CA ASN A 573 4.57 9.18 11.98
C ASN A 573 3.24 9.43 11.28
N LEU A 574 2.48 10.44 11.75
CA LEU A 574 1.19 10.78 11.16
C LEU A 574 1.33 11.92 10.16
N TYR A 575 2.51 12.54 10.08
CA TYR A 575 2.60 13.79 9.33
C TYR A 575 2.03 13.62 7.93
N GLY A 576 2.57 12.64 7.19
CA GLY A 576 2.18 12.39 5.81
C GLY A 576 0.69 12.06 5.69
N LEU A 577 0.20 11.25 6.62
CA LEU A 577 -1.19 10.87 6.64
C LEU A 577 -2.07 12.11 6.78
N THR A 578 -1.75 12.97 7.74
CA THR A 578 -2.56 14.16 8.00
C THR A 578 -2.57 15.07 6.77
N GLU A 579 -1.44 15.11 6.04
CA GLU A 579 -1.39 15.90 4.83
C GLU A 579 -2.26 15.26 3.75
N ALA A 580 -2.23 13.92 3.70
CA ALA A 580 -3.05 13.18 2.76
C ALA A 580 -4.52 13.53 2.98
N ILE A 581 -4.94 13.50 4.25
CA ILE A 581 -6.30 13.80 4.65
C ILE A 581 -6.62 15.23 4.21
N ALA A 582 -5.71 16.16 4.54
CA ALA A 582 -5.89 17.56 4.23
C ALA A 582 -6.03 17.75 2.73
N SER A 583 -5.19 17.05 1.97
CA SER A 583 -5.15 17.19 0.52
C SER A 583 -6.41 16.60 -0.09
N HIS A 584 -6.85 15.45 0.43
CA HIS A 584 -8.04 14.77 -0.04
C HIS A 584 -9.24 15.72 0.07
N ARG A 585 -9.39 16.36 1.23
CA ARG A 585 -10.50 17.28 1.47
C ARG A 585 -10.40 18.49 0.54
N ALA A 586 -9.18 18.99 0.32
CA ALA A 586 -8.96 20.19 -0.46
C ALA A 586 -9.40 19.99 -1.91
N LEU A 587 -9.12 18.80 -2.43
CA LEU A 587 -9.35 18.51 -3.84
C LEU A 587 -10.84 18.25 -4.07
N VAL A 588 -11.52 17.72 -3.05
CA VAL A 588 -12.95 17.49 -3.09
C VAL A 588 -13.65 18.84 -3.16
N LYS A 589 -13.18 19.80 -2.35
CA LYS A 589 -13.79 21.11 -2.28
C LYS A 589 -13.50 21.88 -3.57
N ALA A 590 -12.28 21.75 -4.09
CA ALA A 590 -11.86 22.53 -5.24
C ALA A 590 -12.45 22.00 -6.55
N ARG A 591 -12.69 20.68 -6.63
CA ARG A 591 -12.98 20.04 -7.91
C ARG A 591 -14.38 19.44 -7.95
N GLY A 592 -14.87 18.94 -6.80
CA GLY A 592 -16.22 18.40 -6.72
C GLY A 592 -16.35 17.00 -7.30
N THR A 593 -15.20 16.37 -7.61
CA THR A 593 -15.12 14.98 -8.05
C THR A 593 -14.11 14.25 -7.17
N ARG A 594 -13.96 12.94 -7.40
CA ARG A 594 -13.08 12.09 -6.60
C ARG A 594 -11.66 12.65 -6.60
N PRO A 595 -11.02 12.76 -5.42
CA PRO A 595 -9.64 13.21 -5.34
C PRO A 595 -8.66 12.13 -5.80
N PHE A 596 -7.51 12.56 -6.34
CA PHE A 596 -6.40 11.68 -6.64
C PHE A 596 -5.15 12.19 -5.92
N VAL A 597 -4.79 11.54 -4.80
CA VAL A 597 -3.64 11.94 -4.02
C VAL A 597 -2.64 10.79 -3.98
N ILE A 598 -1.40 11.08 -4.38
CA ILE A 598 -0.31 10.13 -4.24
C ILE A 598 0.68 10.69 -3.22
N SER A 599 0.93 9.92 -2.16
CA SER A 599 1.74 10.38 -1.05
C SER A 599 2.95 9.48 -0.85
N ARG A 600 4.07 10.08 -0.42
CA ARG A 600 5.27 9.31 -0.14
C ARG A 600 5.17 8.71 1.25
N SER A 601 5.08 9.57 2.27
CA SER A 601 4.97 9.11 3.65
C SER A 601 3.55 8.68 3.95
N THR A 602 3.41 7.59 4.71
CA THR A 602 2.12 6.99 4.99
C THR A 602 2.11 6.44 6.42
N PHE A 603 0.90 6.18 6.92
CA PHE A 603 0.68 5.49 8.19
C PHE A 603 -0.54 4.58 8.03
N ALA A 604 -0.74 3.68 8.98
CA ALA A 604 -1.92 2.84 9.02
C ALA A 604 -3.16 3.70 8.76
N GLY A 605 -3.94 3.32 7.75
CA GLY A 605 -5.18 4.01 7.46
C GLY A 605 -5.02 4.99 6.29
N HIS A 606 -3.82 5.02 5.72
CA HIS A 606 -3.47 5.93 4.65
C HIS A 606 -4.33 5.68 3.42
N GLY A 607 -4.64 4.40 3.18
CA GLY A 607 -5.29 3.95 1.96
C GLY A 607 -6.72 4.46 1.84
N ARG A 608 -7.25 4.99 2.94
CA ARG A 608 -8.60 5.51 2.95
C ARG A 608 -8.65 6.88 2.26
N TYR A 609 -7.48 7.49 2.04
CA TYR A 609 -7.42 8.87 1.59
C TYR A 609 -6.59 9.02 0.32
N ALA A 610 -5.57 8.18 0.14
CA ALA A 610 -4.60 8.42 -0.92
C ALA A 610 -3.91 7.11 -1.33
N GLY A 611 -3.10 7.21 -2.38
CA GLY A 611 -2.24 6.12 -2.83
C GLY A 611 -0.79 6.40 -2.48
N HIS A 612 0.13 5.58 -2.99
CA HIS A 612 1.52 5.64 -2.58
C HIS A 612 2.43 5.14 -3.70
N TRP A 613 3.64 5.70 -3.77
CA TRP A 613 4.68 5.13 -4.59
C TRP A 613 5.90 4.88 -3.72
N THR A 614 6.72 3.90 -4.11
CA THR A 614 7.70 3.34 -3.19
C THR A 614 8.98 4.18 -3.16
N GLY A 615 8.95 5.35 -3.80
CA GLY A 615 9.99 6.35 -3.60
C GLY A 615 11.14 6.25 -4.59
N ASP A 616 12.32 6.67 -4.13
CA ASP A 616 13.50 6.85 -4.97
C ASP A 616 14.25 5.53 -5.13
N VAL A 617 13.68 4.63 -5.94
CA VAL A 617 14.28 3.32 -6.18
C VAL A 617 15.31 3.45 -7.30
N TRP A 618 16.38 2.66 -7.20
CA TRP A 618 17.41 2.62 -8.23
C TRP A 618 16.90 1.91 -9.47
N SER A 619 17.41 2.32 -10.63
CA SER A 619 17.21 1.58 -11.86
C SER A 619 18.11 0.34 -11.83
N SER A 620 17.66 -0.70 -11.12
CA SER A 620 18.42 -1.93 -11.01
C SER A 620 17.50 -3.15 -11.04
N TRP A 621 18.08 -4.31 -11.40
CA TRP A 621 17.35 -5.56 -11.40
C TRP A 621 16.89 -5.90 -9.99
N GLU A 622 17.77 -5.68 -9.02
CA GLU A 622 17.49 -5.92 -7.61
C GLU A 622 16.25 -5.13 -7.17
N GLN A 623 16.18 -3.85 -7.56
CA GLN A 623 15.11 -2.97 -7.15
C GLN A 623 13.80 -3.33 -7.86
N LEU A 624 13.92 -3.84 -9.10
CA LEU A 624 12.76 -4.27 -9.86
C LEU A 624 12.12 -5.48 -9.17
N ALA A 625 12.96 -6.42 -8.73
CA ALA A 625 12.50 -7.63 -8.08
C ALA A 625 11.85 -7.27 -6.74
N SER A 626 12.41 -6.26 -6.05
CA SER A 626 11.99 -5.88 -4.72
C SER A 626 10.63 -5.19 -4.73
N SER A 627 10.23 -4.68 -5.90
CA SER A 627 9.02 -3.88 -5.97
C SER A 627 7.79 -4.76 -5.81
N VAL A 628 7.90 -6.03 -6.24
CA VAL A 628 6.77 -6.94 -6.18
C VAL A 628 6.34 -7.16 -4.73
N PRO A 629 7.23 -7.64 -3.83
CA PRO A 629 6.88 -7.80 -2.42
C PRO A 629 6.42 -6.49 -1.80
N GLU A 630 6.97 -5.37 -2.28
CA GLU A 630 6.62 -4.09 -1.69
C GLU A 630 5.18 -3.71 -2.07
N ILE A 631 4.81 -3.95 -3.33
CA ILE A 631 3.49 -3.63 -3.84
C ILE A 631 2.45 -4.51 -3.14
N LEU A 632 2.81 -5.78 -2.94
CA LEU A 632 1.94 -6.75 -2.30
C LEU A 632 1.70 -6.34 -0.85
N GLN A 633 2.78 -5.94 -0.18
CA GLN A 633 2.74 -5.57 1.22
C GLN A 633 1.73 -4.44 1.41
N PHE A 634 1.76 -3.46 0.49
CA PHE A 634 0.92 -2.28 0.63
C PHE A 634 -0.54 -2.62 0.38
N ASN A 635 -0.79 -3.66 -0.42
CA ASN A 635 -2.16 -4.13 -0.61
C ASN A 635 -2.69 -4.75 0.69
N LEU A 636 -1.85 -5.50 1.39
CA LEU A 636 -2.24 -6.13 2.64
C LEU A 636 -2.56 -5.05 3.69
N LEU A 637 -1.94 -3.88 3.54
CA LEU A 637 -2.07 -2.79 4.50
C LEU A 637 -3.16 -1.83 4.08
N GLY A 638 -3.87 -2.18 3.00
CA GLY A 638 -5.06 -1.45 2.58
C GLY A 638 -4.69 -0.17 1.84
N VAL A 639 -3.54 -0.19 1.18
CA VAL A 639 -3.15 0.88 0.28
C VAL A 639 -3.00 0.27 -1.11
N PRO A 640 -4.11 -0.12 -1.78
CA PRO A 640 -4.02 -0.86 -3.05
C PRO A 640 -3.50 -0.01 -4.20
N LEU A 641 -3.72 1.31 -4.14
CA LEU A 641 -3.20 2.19 -5.18
C LEU A 641 -1.73 2.47 -4.89
N VAL A 642 -0.87 1.53 -5.32
CA VAL A 642 0.54 1.62 -5.03
C VAL A 642 1.30 1.14 -6.28
N GLY A 643 2.52 1.66 -6.45
CA GLY A 643 3.44 1.19 -7.46
C GLY A 643 4.84 1.73 -7.20
N ALA A 644 5.79 1.31 -8.03
CA ALA A 644 7.13 1.88 -8.03
C ALA A 644 7.32 2.62 -9.34
N ASP A 645 8.22 3.60 -9.34
CA ASP A 645 8.62 4.32 -10.55
C ASP A 645 9.08 3.31 -11.59
N VAL A 646 8.27 3.11 -12.63
CA VAL A 646 8.56 2.17 -13.70
C VAL A 646 9.87 2.56 -14.36
N CYS A 647 10.77 1.57 -14.49
CA CYS A 647 12.10 1.69 -15.08
C CYS A 647 13.11 2.25 -14.07
N GLY A 648 12.62 2.57 -12.86
CA GLY A 648 13.47 3.05 -11.79
C GLY A 648 13.65 4.56 -11.82
N PHE A 649 14.04 5.13 -10.68
CA PHE A 649 14.15 6.57 -10.54
C PHE A 649 15.62 7.01 -10.58
N LEU A 650 16.43 6.48 -9.66
CA LEU A 650 17.83 6.88 -9.55
C LEU A 650 18.67 6.09 -10.56
N GLY A 651 19.76 6.71 -11.02
CA GLY A 651 20.66 6.07 -11.97
C GLY A 651 20.06 6.02 -13.37
N ASN A 652 20.75 5.30 -14.27
CA ASN A 652 20.33 5.18 -15.65
C ASN A 652 19.78 3.79 -15.88
N THR A 653 18.61 3.71 -16.50
CA THR A 653 17.99 2.44 -16.82
C THR A 653 18.66 1.87 -18.07
N SER A 654 18.57 0.55 -18.26
CA SER A 654 18.97 -0.06 -19.52
C SER A 654 17.73 -0.39 -20.32
N GLU A 655 17.93 -0.75 -21.60
CA GLU A 655 16.79 -1.01 -22.47
C GLU A 655 16.06 -2.28 -22.00
N GLU A 656 16.82 -3.30 -21.63
CA GLU A 656 16.26 -4.57 -21.19
C GLU A 656 15.50 -4.38 -19.88
N LEU A 657 16.08 -3.63 -18.94
CA LEU A 657 15.47 -3.42 -17.63
C LEU A 657 14.12 -2.72 -17.79
N CYS A 658 14.09 -1.68 -18.64
CA CYS A 658 12.89 -0.88 -18.87
C CYS A 658 11.80 -1.72 -19.52
N VAL A 659 12.18 -2.70 -20.36
CA VAL A 659 11.19 -3.57 -20.97
C VAL A 659 10.56 -4.47 -19.90
N ARG A 660 11.42 -5.09 -19.07
CA ARG A 660 10.95 -5.96 -18.02
C ARG A 660 10.16 -5.16 -16.98
N TRP A 661 10.62 -3.94 -16.71
CA TRP A 661 10.00 -3.14 -15.67
C TRP A 661 8.60 -2.71 -16.11
N THR A 662 8.46 -2.36 -17.40
CA THR A 662 7.19 -1.93 -17.96
C THR A 662 6.23 -3.12 -17.99
N GLN A 663 6.77 -4.29 -18.34
CA GLN A 663 5.97 -5.52 -18.38
C GLN A 663 5.34 -5.76 -17.01
N LEU A 664 6.16 -5.74 -15.96
CA LEU A 664 5.66 -5.97 -14.62
C LEU A 664 4.86 -4.75 -14.15
N GLY A 665 5.40 -3.57 -14.45
CA GLY A 665 4.82 -2.32 -13.99
C GLY A 665 3.37 -2.16 -14.43
N ALA A 666 3.05 -2.66 -15.63
CA ALA A 666 1.69 -2.59 -16.14
C ALA A 666 0.73 -3.31 -15.19
N PHE A 667 1.29 -4.04 -14.22
CA PHE A 667 0.48 -4.78 -13.26
C PHE A 667 0.57 -4.19 -11.86
N TYR A 668 1.33 -3.10 -11.71
CA TYR A 668 1.16 -2.24 -10.56
C TYR A 668 -0.23 -1.62 -10.64
N PRO A 669 -1.01 -1.58 -9.55
CA PRO A 669 -2.30 -0.89 -9.56
C PRO A 669 -2.15 0.60 -9.91
N PHE A 670 -1.07 1.23 -9.42
CA PHE A 670 -0.71 2.58 -9.81
C PHE A 670 0.54 2.55 -10.67
N MET A 671 0.40 2.98 -11.93
CA MET A 671 1.48 2.81 -12.89
C MET A 671 1.99 4.15 -13.41
N ARG A 672 3.18 4.54 -12.92
CA ARG A 672 3.83 5.77 -13.30
C ARG A 672 5.29 5.48 -13.63
N ASN A 673 5.71 5.93 -14.81
CA ASN A 673 7.12 5.97 -15.16
C ASN A 673 7.65 7.35 -14.76
N HIS A 674 8.59 7.36 -13.82
CA HIS A 674 9.15 8.60 -13.29
C HIS A 674 10.66 8.49 -13.25
N ASN A 675 11.35 9.63 -13.42
CA ASN A 675 12.77 9.62 -13.73
C ASN A 675 13.43 10.82 -13.05
N SER A 676 14.72 10.69 -12.71
CA SER A 676 15.40 11.75 -11.97
C SER A 676 16.05 12.75 -12.92
N LEU A 677 16.56 13.85 -12.36
CA LEU A 677 17.00 15.00 -13.11
C LEU A 677 18.20 14.66 -13.99
N LEU A 678 19.09 13.82 -13.48
CA LEU A 678 20.39 13.61 -14.12
C LEU A 678 20.40 12.30 -14.92
N SER A 679 19.26 11.59 -14.92
CA SER A 679 19.14 10.30 -15.59
C SER A 679 18.92 10.50 -17.09
N LEU A 680 19.30 9.47 -17.87
CA LEU A 680 18.99 9.40 -19.28
C LEU A 680 17.50 9.16 -19.46
N PRO A 681 16.89 9.59 -20.59
CA PRO A 681 15.45 9.46 -20.81
C PRO A 681 15.03 8.01 -20.69
N GLN A 682 13.78 7.77 -20.26
CA GLN A 682 13.26 6.43 -20.12
C GLN A 682 11.79 6.37 -20.51
N GLU A 683 11.33 7.36 -21.29
CA GLU A 683 9.96 7.32 -21.80
C GLU A 683 9.86 6.17 -22.82
N PRO A 684 8.69 5.50 -22.92
CA PRO A 684 8.54 4.38 -23.87
C PRO A 684 9.03 4.66 -25.29
N TYR A 685 8.87 5.90 -25.77
CA TYR A 685 9.19 6.23 -27.15
C TYR A 685 10.68 6.49 -27.35
N SER A 686 11.47 6.43 -26.27
CA SER A 686 12.88 6.80 -26.37
C SER A 686 13.76 5.58 -26.65
N PHE A 687 13.16 4.41 -26.79
CA PHE A 687 13.89 3.16 -26.99
C PHE A 687 13.73 2.67 -28.42
N SER A 688 14.48 1.60 -28.74
CA SER A 688 14.49 1.03 -30.08
C SER A 688 13.12 0.43 -30.41
N GLU A 689 12.94 0.07 -31.69
CA GLU A 689 11.67 -0.38 -32.22
C GLU A 689 11.21 -1.66 -31.50
N PRO A 690 12.06 -2.72 -31.40
CA PRO A 690 11.64 -3.96 -30.74
C PRO A 690 11.20 -3.71 -29.30
N ALA A 691 11.89 -2.80 -28.62
CA ALA A 691 11.60 -2.48 -27.22
C ALA A 691 10.26 -1.75 -27.12
N GLN A 692 9.98 -0.87 -28.09
CA GLN A 692 8.74 -0.12 -28.09
C GLN A 692 7.56 -1.06 -28.26
N GLN A 693 7.71 -2.08 -29.11
CA GLN A 693 6.66 -3.06 -29.30
C GLN A 693 6.29 -3.71 -27.97
N ALA A 694 7.31 -4.18 -27.24
CA ALA A 694 7.12 -4.87 -25.98
C ALA A 694 6.38 -3.96 -25.00
N MET A 695 6.77 -2.69 -24.97
CA MET A 695 6.20 -1.72 -24.04
C MET A 695 4.77 -1.37 -24.47
N ARG A 696 4.57 -1.18 -25.77
CA ARG A 696 3.25 -0.88 -26.31
C ARG A 696 2.29 -2.01 -25.94
N LYS A 697 2.76 -3.25 -26.02
CA LYS A 697 1.93 -4.42 -25.75
C LYS A 697 1.50 -4.43 -24.28
N ALA A 698 2.44 -4.08 -23.39
CA ALA A 698 2.17 -4.10 -21.95
C ALA A 698 1.09 -3.06 -21.63
N LEU A 699 1.24 -1.87 -22.23
CA LEU A 699 0.30 -0.79 -21.99
C LEU A 699 -1.05 -1.11 -22.63
N THR A 700 -1.03 -1.85 -23.74
CA THR A 700 -2.24 -2.25 -24.43
C THR A 700 -3.07 -3.19 -23.56
N LEU A 701 -2.39 -4.21 -23.00
CA LEU A 701 -3.03 -5.21 -22.15
C LEU A 701 -3.64 -4.53 -20.93
N ARG A 702 -2.89 -3.61 -20.31
CA ARG A 702 -3.36 -2.93 -19.12
C ARG A 702 -4.66 -2.20 -19.43
N TYR A 703 -4.64 -1.41 -20.51
CA TYR A 703 -5.81 -0.65 -20.92
C TYR A 703 -6.99 -1.60 -21.19
N ALA A 704 -6.69 -2.77 -21.76
CA ALA A 704 -7.74 -3.74 -22.02
C ALA A 704 -8.38 -4.21 -20.72
N LEU A 705 -7.57 -4.31 -19.66
CA LEU A 705 -8.00 -4.88 -18.39
C LEU A 705 -8.57 -3.84 -17.43
N LEU A 706 -8.56 -2.56 -17.83
CA LEU A 706 -8.95 -1.50 -16.91
C LEU A 706 -10.34 -1.76 -16.31
N PRO A 707 -11.35 -2.22 -17.08
CA PRO A 707 -12.66 -2.52 -16.51
C PRO A 707 -12.58 -3.55 -15.39
N HIS A 708 -11.64 -4.50 -15.53
CA HIS A 708 -11.41 -5.50 -14.50
C HIS A 708 -10.71 -4.86 -13.31
N LEU A 709 -9.63 -4.13 -13.58
CA LEU A 709 -8.88 -3.48 -12.51
C LEU A 709 -9.81 -2.57 -11.72
N TYR A 710 -10.70 -1.86 -12.43
CA TYR A 710 -11.60 -0.91 -11.79
C TYR A 710 -12.58 -1.65 -10.88
N THR A 711 -13.01 -2.84 -11.30
CA THR A 711 -13.94 -3.63 -10.52
C THR A 711 -13.25 -4.14 -9.26
N LEU A 712 -11.95 -4.43 -9.37
CA LEU A 712 -11.17 -4.93 -8.26
C LEU A 712 -11.05 -3.83 -7.20
N PHE A 713 -10.91 -2.58 -7.65
CA PHE A 713 -10.84 -1.43 -6.77
C PHE A 713 -12.18 -1.21 -6.09
N HIS A 714 -13.26 -1.50 -6.82
CA HIS A 714 -14.59 -1.39 -6.27
C HIS A 714 -14.74 -2.34 -5.09
N GLN A 715 -14.15 -3.53 -5.22
CA GLN A 715 -14.21 -4.57 -4.18
C GLN A 715 -13.39 -4.14 -2.98
N ALA A 716 -12.21 -3.56 -3.23
CA ALA A 716 -11.38 -3.02 -2.17
C ALA A 716 -12.17 -1.98 -1.38
N HIS A 717 -12.91 -1.14 -2.11
CA HIS A 717 -13.58 0.01 -1.53
C HIS A 717 -14.79 -0.40 -0.69
N VAL A 718 -15.50 -1.48 -1.08
CA VAL A 718 -16.75 -1.81 -0.41
C VAL A 718 -16.57 -2.98 0.55
N ALA A 719 -15.58 -3.84 0.30
CA ALA A 719 -15.47 -5.06 1.08
C ALA A 719 -14.08 -5.22 1.70
N GLY A 720 -13.20 -4.24 1.49
CA GLY A 720 -11.87 -4.25 2.07
C GLY A 720 -10.98 -5.37 1.50
N GLU A 721 -11.14 -5.63 0.20
CA GLU A 721 -10.35 -6.64 -0.51
C GLU A 721 -9.02 -6.02 -0.93
N THR A 722 -8.10 -6.90 -1.35
CA THR A 722 -6.85 -6.45 -1.96
C THR A 722 -7.01 -6.46 -3.47
N VAL A 723 -6.24 -5.61 -4.14
CA VAL A 723 -6.24 -5.56 -5.60
C VAL A 723 -5.15 -6.51 -6.11
N ALA A 724 -3.89 -6.14 -5.86
CA ALA A 724 -2.76 -7.04 -6.12
C ALA A 724 -2.50 -7.83 -4.85
N ARG A 725 -2.59 -9.16 -4.94
CA ARG A 725 -2.45 -9.98 -3.75
C ARG A 725 -1.43 -11.10 -3.96
N PRO A 726 -0.76 -11.54 -2.89
CA PRO A 726 0.16 -12.68 -2.96
C PRO A 726 -0.63 -13.98 -3.08
N LEU A 727 0.02 -15.02 -3.61
CA LEU A 727 -0.62 -16.31 -3.79
C LEU A 727 -1.21 -16.79 -2.46
N PHE A 728 -0.47 -16.57 -1.36
CA PHE A 728 -0.84 -17.12 -0.07
C PHE A 728 -2.17 -16.55 0.43
N LEU A 729 -2.57 -15.38 -0.07
CA LEU A 729 -3.82 -14.78 0.35
C LEU A 729 -4.97 -15.46 -0.38
N GLU A 730 -4.67 -16.06 -1.53
CA GLU A 730 -5.70 -16.70 -2.33
C GLU A 730 -5.67 -18.22 -2.10
N PHE A 731 -4.50 -18.74 -1.73
CA PHE A 731 -4.31 -20.17 -1.57
C PHE A 731 -3.60 -20.47 -0.25
N PRO A 732 -4.16 -19.99 0.90
CA PRO A 732 -3.47 -20.11 2.19
C PRO A 732 -3.17 -21.56 2.58
N LYS A 733 -4.00 -22.48 2.08
CA LYS A 733 -3.95 -23.87 2.54
C LYS A 733 -2.84 -24.62 1.83
N ASP A 734 -2.23 -24.00 0.82
CA ASP A 734 -1.09 -24.58 0.13
C ASP A 734 0.17 -23.86 0.59
N SER A 735 0.91 -24.49 1.51
CA SER A 735 1.99 -23.83 2.22
C SER A 735 3.16 -23.52 1.29
N SER A 736 3.12 -24.04 0.07
CA SER A 736 4.14 -23.74 -0.93
C SER A 736 4.04 -22.28 -1.39
N THR A 737 2.84 -21.69 -1.24
CA THR A 737 2.60 -20.33 -1.68
C THR A 737 3.20 -19.33 -0.68
N TRP A 738 3.41 -19.77 0.56
CA TRP A 738 3.73 -18.90 1.67
C TRP A 738 4.94 -18.02 1.39
N THR A 739 5.97 -18.55 0.71
CA THR A 739 7.19 -17.80 0.48
C THR A 739 7.25 -17.24 -0.94
N VAL A 740 6.16 -17.34 -1.70
CA VAL A 740 6.14 -16.80 -3.05
C VAL A 740 5.85 -15.30 -2.98
N ASP A 741 6.80 -14.50 -3.48
CA ASP A 741 6.62 -13.05 -3.48
C ASP A 741 7.19 -12.41 -4.76
N HIS A 742 7.58 -13.24 -5.74
CA HIS A 742 8.05 -12.70 -7.01
C HIS A 742 7.01 -12.94 -8.12
N GLN A 743 5.83 -13.38 -7.70
CA GLN A 743 4.66 -13.47 -8.55
C GLN A 743 3.53 -12.73 -7.84
N LEU A 744 2.53 -12.27 -8.59
CA LEU A 744 1.38 -11.64 -7.95
C LEU A 744 0.09 -12.03 -8.66
N LEU A 745 -1.02 -11.89 -7.93
CA LEU A 745 -2.36 -12.05 -8.45
C LEU A 745 -3.02 -10.68 -8.55
N TRP A 746 -3.80 -10.49 -9.62
CA TRP A 746 -4.83 -9.46 -9.62
C TRP A 746 -6.14 -10.12 -9.22
N GLY A 747 -6.66 -9.77 -8.05
CA GLY A 747 -7.85 -10.41 -7.51
C GLY A 747 -7.63 -11.90 -7.34
N GLU A 748 -8.62 -12.69 -7.79
CA GLU A 748 -8.60 -14.13 -7.58
C GLU A 748 -8.03 -14.82 -8.81
N ALA A 749 -8.10 -14.16 -9.97
CA ALA A 749 -8.14 -14.86 -11.25
C ALA A 749 -6.83 -14.74 -12.05
N LEU A 750 -6.14 -13.59 -11.94
CA LEU A 750 -5.04 -13.29 -12.85
C LEU A 750 -3.69 -13.44 -12.15
N LEU A 751 -2.87 -14.36 -12.67
CA LEU A 751 -1.58 -14.68 -12.08
C LEU A 751 -0.48 -14.18 -13.01
N ILE A 752 0.34 -13.26 -12.51
CA ILE A 752 1.38 -12.63 -13.30
C ILE A 752 2.73 -13.17 -12.82
N THR A 753 3.52 -13.69 -13.77
CA THR A 753 4.80 -14.31 -13.46
C THR A 753 5.90 -13.58 -14.23
N PRO A 754 6.45 -12.48 -13.66
CA PRO A 754 7.41 -11.65 -14.38
C PRO A 754 8.84 -12.18 -14.35
N VAL A 755 9.60 -11.86 -15.40
CA VAL A 755 11.04 -12.02 -15.40
C VAL A 755 11.63 -10.83 -14.66
N LEU A 756 12.53 -11.11 -13.69
CA LEU A 756 13.03 -10.06 -12.82
C LEU A 756 14.55 -10.07 -12.81
N GLN A 757 15.15 -10.65 -13.86
CA GLN A 757 16.61 -10.76 -13.96
C GLN A 757 17.05 -10.54 -15.40
N ALA A 758 18.27 -10.02 -15.57
CA ALA A 758 18.84 -9.75 -16.87
C ALA A 758 19.15 -11.06 -17.61
N GLY A 759 18.96 -11.04 -18.93
CA GLY A 759 19.42 -12.10 -19.80
C GLY A 759 18.66 -13.42 -19.63
N LYS A 760 17.44 -13.34 -19.09
CA LYS A 760 16.64 -14.54 -18.89
C LYS A 760 15.60 -14.66 -19.99
N ALA A 761 15.44 -15.88 -20.54
CA ALA A 761 14.49 -16.10 -21.61
C ALA A 761 13.40 -17.06 -21.14
N GLU A 762 13.40 -17.33 -19.83
CA GLU A 762 12.39 -18.18 -19.22
C GLU A 762 12.23 -17.78 -17.75
N VAL A 763 11.11 -18.18 -17.16
CA VAL A 763 10.84 -17.90 -15.75
C VAL A 763 10.19 -19.13 -15.14
N THR A 764 10.58 -19.43 -13.88
CA THR A 764 10.00 -20.52 -13.13
C THR A 764 9.05 -19.94 -12.08
N GLY A 765 7.76 -20.26 -12.22
CA GLY A 765 6.74 -19.73 -11.32
C GLY A 765 5.95 -20.85 -10.66
N TYR A 766 5.26 -20.52 -9.56
CA TYR A 766 4.48 -21.53 -8.86
C TYR A 766 3.02 -21.43 -9.30
N PHE A 767 2.41 -22.59 -9.57
CA PHE A 767 1.01 -22.63 -9.97
C PHE A 767 0.22 -23.49 -9.00
N PRO A 768 -0.69 -22.89 -8.20
CA PRO A 768 -1.56 -23.65 -7.31
C PRO A 768 -2.41 -24.65 -8.09
N LEU A 769 -2.95 -25.66 -7.39
CA LEU A 769 -3.79 -26.69 -7.98
C LEU A 769 -4.91 -26.03 -8.79
N GLY A 770 -5.06 -26.45 -10.04
CA GLY A 770 -6.10 -25.94 -10.92
C GLY A 770 -5.59 -25.80 -12.35
N THR A 771 -6.45 -25.27 -13.22
CA THR A 771 -6.08 -25.02 -14.61
C THR A 771 -5.86 -23.52 -14.81
N TRP A 772 -4.76 -23.19 -15.50
CA TRP A 772 -4.39 -21.81 -15.73
C TRP A 772 -4.21 -21.58 -17.23
N TYR A 773 -5.11 -20.78 -17.81
CA TYR A 773 -5.05 -20.49 -19.23
C TYR A 773 -4.09 -19.34 -19.51
N ASP A 774 -3.26 -19.51 -20.54
CA ASP A 774 -2.38 -18.45 -21.01
C ASP A 774 -3.24 -17.34 -21.59
N LEU A 775 -2.99 -16.09 -21.18
CA LEU A 775 -3.82 -14.98 -21.59
C LEU A 775 -3.53 -14.61 -23.05
N GLN A 776 -2.40 -15.11 -23.58
CA GLN A 776 -2.02 -14.88 -24.96
C GLN A 776 -3.02 -15.50 -25.92
N THR A 777 -3.92 -16.34 -25.42
CA THR A 777 -4.90 -17.02 -26.26
C THR A 777 -6.17 -16.18 -26.40
N VAL A 778 -6.28 -15.13 -25.58
CA VAL A 778 -7.38 -14.19 -25.66
C VAL A 778 -7.01 -13.08 -26.65
N PRO A 779 -7.81 -12.85 -27.72
CA PRO A 779 -7.51 -11.81 -28.70
C PRO A 779 -7.58 -10.41 -28.08
N ILE A 780 -6.54 -9.60 -28.35
CA ILE A 780 -6.44 -8.24 -27.83
C ILE A 780 -6.03 -7.31 -28.98
N GLU A 781 -6.80 -6.24 -29.17
CA GLU A 781 -6.56 -5.27 -30.24
C GLU A 781 -5.69 -4.13 -29.73
N ALA A 782 -4.79 -3.65 -30.60
CA ALA A 782 -3.93 -2.51 -30.31
C ALA A 782 -4.02 -1.49 -31.45
N LEU A 783 -3.46 -0.29 -31.23
CA LEU A 783 -3.51 0.77 -32.21
C LEU A 783 -2.22 0.80 -33.04
N GLY A 784 -1.10 0.43 -32.41
CA GLY A 784 0.18 0.28 -33.09
C GLY A 784 0.62 -1.19 -33.15
N SER A 785 1.87 -1.42 -33.57
CA SER A 785 2.37 -2.78 -33.75
C SER A 785 2.87 -3.37 -32.42
N LEU A 786 2.80 -4.71 -32.32
CA LEU A 786 3.06 -5.43 -31.08
C LEU A 786 4.21 -6.42 -31.25
N ARG A 794 4.26 -22.57 -26.83
CA ARG A 794 3.60 -22.23 -25.54
C ARG A 794 2.29 -22.99 -25.41
N GLU A 795 2.09 -23.63 -24.25
CA GLU A 795 0.88 -24.38 -23.95
C GLU A 795 -0.28 -23.42 -23.72
N PRO A 796 -1.49 -23.72 -24.26
CA PRO A 796 -2.65 -22.84 -24.07
C PRO A 796 -3.17 -22.85 -22.64
N ALA A 797 -2.83 -23.91 -21.88
CA ALA A 797 -3.33 -24.10 -20.53
C ALA A 797 -2.32 -24.92 -19.73
N ILE A 798 -2.17 -24.58 -18.44
CA ILE A 798 -1.31 -25.29 -17.52
C ILE A 798 -2.19 -26.03 -16.53
N HIS A 799 -2.03 -27.37 -16.48
CA HIS A 799 -2.80 -28.20 -15.56
C HIS A 799 -1.93 -28.56 -14.37
N SER A 800 -2.09 -27.82 -13.28
CA SER A 800 -1.16 -27.92 -12.16
C SER A 800 -1.78 -28.77 -11.06
N GLU A 801 -0.92 -29.52 -10.37
CA GLU A 801 -1.28 -30.28 -9.18
C GLU A 801 -0.85 -29.49 -7.95
N GLY A 802 -0.37 -28.26 -8.18
CA GLY A 802 0.36 -27.51 -7.17
C GLY A 802 1.87 -27.78 -7.30
N GLN A 803 2.53 -27.02 -8.18
CA GLN A 803 3.89 -27.33 -8.57
C GLN A 803 4.51 -26.09 -9.20
N TRP A 804 5.85 -26.09 -9.28
CA TRP A 804 6.60 -25.06 -9.99
C TRP A 804 6.66 -25.43 -11.47
N VAL A 805 6.46 -24.43 -12.33
CA VAL A 805 6.45 -24.64 -13.77
C VAL A 805 7.44 -23.68 -14.42
N THR A 806 8.23 -24.20 -15.37
CA THR A 806 9.09 -23.36 -16.19
C THR A 806 8.33 -22.90 -17.43
N LEU A 807 8.35 -21.58 -17.66
CA LEU A 807 7.62 -20.99 -18.76
C LEU A 807 8.60 -20.30 -19.69
N PRO A 808 8.38 -20.36 -21.03
CA PRO A 808 9.12 -19.52 -21.96
C PRO A 808 8.77 -18.05 -21.70
N ALA A 809 9.80 -17.19 -21.71
CA ALA A 809 9.63 -15.79 -21.38
C ALA A 809 10.62 -14.94 -22.16
N PRO A 810 10.56 -14.94 -23.51
CA PRO A 810 11.42 -14.07 -24.32
C PRO A 810 11.19 -12.60 -23.96
N LEU A 811 12.10 -11.74 -24.42
CA LEU A 811 12.14 -10.34 -24.03
C LEU A 811 10.77 -9.68 -24.16
N ASP A 812 10.00 -10.07 -25.18
CA ASP A 812 8.79 -9.34 -25.53
C ASP A 812 7.56 -9.97 -24.87
N THR A 813 7.79 -10.82 -23.86
CA THR A 813 6.71 -11.56 -23.23
C THR A 813 6.72 -11.39 -21.71
N ILE A 814 5.54 -11.16 -21.15
CA ILE A 814 5.28 -11.27 -19.72
C ILE A 814 4.22 -12.34 -19.53
N ASN A 815 4.49 -13.29 -18.62
CA ASN A 815 3.59 -14.42 -18.42
C ASN A 815 2.39 -14.01 -17.59
N VAL A 816 1.19 -14.22 -18.14
CA VAL A 816 -0.05 -13.88 -17.46
C VAL A 816 -1.04 -15.03 -17.68
N HIS A 817 -1.55 -15.60 -16.59
CA HIS A 817 -2.45 -16.73 -16.68
C HIS A 817 -3.78 -16.43 -16.00
N LEU A 818 -4.86 -16.93 -16.60
CA LEU A 818 -6.20 -16.73 -16.10
C LEU A 818 -6.71 -18.03 -15.47
N ARG A 819 -7.07 -17.94 -14.19
CA ARG A 819 -7.52 -19.09 -13.41
C ARG A 819 -8.87 -19.57 -13.93
N ALA A 820 -9.02 -20.90 -14.03
CA ALA A 820 -10.22 -21.52 -14.55
C ALA A 820 -11.39 -21.28 -13.61
N GLY A 821 -12.54 -20.91 -14.16
CA GLY A 821 -13.74 -20.65 -13.39
C GLY A 821 -13.99 -19.16 -13.22
N TYR A 822 -13.31 -18.35 -14.03
CA TYR A 822 -13.36 -16.91 -13.88
C TYR A 822 -13.60 -16.23 -15.22
N ILE A 823 -14.43 -15.17 -15.18
CA ILE A 823 -14.75 -14.36 -16.34
C ILE A 823 -14.21 -12.94 -16.13
N ILE A 824 -13.40 -12.47 -17.08
CA ILE A 824 -12.79 -11.16 -17.02
C ILE A 824 -13.43 -10.26 -18.06
N PRO A 825 -13.88 -9.04 -17.68
CA PRO A 825 -14.38 -8.06 -18.66
C PRO A 825 -13.21 -7.26 -19.22
N LEU A 826 -13.26 -6.96 -20.53
CA LEU A 826 -12.24 -6.18 -21.20
C LEU A 826 -12.91 -5.09 -22.04
N GLN A 827 -12.13 -4.05 -22.37
CA GLN A 827 -12.62 -2.99 -23.23
C GLN A 827 -11.61 -2.72 -24.35
N GLY A 828 -12.11 -2.17 -25.46
CA GLY A 828 -11.32 -1.89 -26.65
C GLY A 828 -10.25 -0.84 -26.41
N PRO A 829 -9.31 -0.65 -27.36
CA PRO A 829 -8.14 0.20 -27.13
C PRO A 829 -8.45 1.70 -27.11
N GLY A 830 -7.47 2.48 -26.63
CA GLY A 830 -7.48 3.92 -26.64
C GLY A 830 -6.15 4.46 -26.11
N LEU A 831 -5.81 5.71 -26.45
CA LEU A 831 -4.61 6.34 -25.94
C LEU A 831 -4.90 7.01 -24.60
N THR A 832 -6.20 7.15 -24.29
CA THR A 832 -6.66 7.68 -23.03
C THR A 832 -7.85 6.85 -22.57
N THR A 833 -8.23 6.99 -21.29
CA THR A 833 -9.40 6.30 -20.77
C THR A 833 -10.66 6.99 -21.28
N THR A 834 -10.53 8.28 -21.61
CA THR A 834 -11.65 9.00 -22.20
C THR A 834 -12.07 8.28 -23.47
N GLU A 835 -11.08 7.82 -24.23
CA GLU A 835 -11.28 7.12 -25.49
C GLU A 835 -11.76 5.70 -25.24
N SER A 836 -11.02 4.97 -24.39
CA SER A 836 -11.23 3.54 -24.22
C SER A 836 -12.57 3.23 -23.55
N ARG A 837 -13.06 4.15 -22.72
CA ARG A 837 -14.32 3.96 -22.03
C ARG A 837 -15.49 3.99 -23.00
N GLN A 838 -15.25 4.45 -24.23
CA GLN A 838 -16.31 4.57 -25.23
C GLN A 838 -16.33 3.33 -26.12
N GLN A 839 -15.30 2.47 -25.98
CA GLN A 839 -15.12 1.32 -26.86
C GLN A 839 -16.08 0.21 -26.46
N PRO A 840 -16.41 -0.72 -27.39
CA PRO A 840 -17.16 -1.92 -27.06
C PRO A 840 -16.34 -2.81 -26.12
N MET A 841 -17.04 -3.71 -25.43
CA MET A 841 -16.40 -4.56 -24.43
C MET A 841 -16.40 -6.01 -24.89
N ALA A 842 -15.58 -6.81 -24.21
CA ALA A 842 -15.41 -8.24 -24.49
C ALA A 842 -15.44 -9.01 -23.17
N LEU A 843 -15.64 -10.32 -23.26
CA LEU A 843 -15.51 -11.20 -22.11
C LEU A 843 -14.46 -12.27 -22.41
N ALA A 844 -13.65 -12.58 -21.39
CA ALA A 844 -12.78 -13.74 -21.41
C ALA A 844 -13.33 -14.73 -20.39
N VAL A 845 -13.74 -15.90 -20.86
CA VAL A 845 -14.39 -16.90 -20.02
C VAL A 845 -13.46 -18.12 -19.91
N ALA A 846 -12.95 -18.35 -18.69
CA ALA A 846 -12.08 -19.48 -18.42
C ALA A 846 -12.87 -20.60 -17.75
N LEU A 847 -13.24 -21.62 -18.52
CA LEU A 847 -14.10 -22.68 -18.03
C LEU A 847 -13.29 -23.63 -17.13
N THR A 848 -13.92 -24.07 -16.04
CA THR A 848 -13.45 -25.22 -15.30
C THR A 848 -13.67 -26.46 -16.16
N LYS A 849 -13.06 -27.59 -15.77
CA LYS A 849 -13.30 -28.83 -16.48
C LYS A 849 -14.80 -29.16 -16.46
N GLY A 850 -15.49 -28.71 -15.39
CA GLY A 850 -16.93 -28.93 -15.27
C GLY A 850 -17.74 -27.94 -16.10
N GLY A 851 -17.06 -27.05 -16.82
CA GLY A 851 -17.68 -26.13 -17.76
C GLY A 851 -18.36 -24.93 -17.09
N GLU A 852 -17.80 -24.49 -15.95
CA GLU A 852 -18.40 -23.40 -15.19
C GLU A 852 -17.41 -22.24 -15.06
N ALA A 853 -17.96 -21.02 -14.90
CA ALA A 853 -17.17 -19.82 -14.65
C ALA A 853 -18.06 -18.70 -14.11
N ARG A 854 -17.45 -17.79 -13.34
CA ARG A 854 -18.16 -16.65 -12.76
C ARG A 854 -17.28 -15.40 -12.87
N GLY A 855 -17.93 -14.25 -13.10
CA GLY A 855 -17.25 -12.97 -13.13
C GLY A 855 -18.20 -11.82 -12.83
N GLU A 856 -17.66 -10.60 -12.79
CA GLU A 856 -18.49 -9.44 -12.54
C GLU A 856 -17.90 -8.20 -13.20
N LEU A 857 -18.75 -7.18 -13.35
CA LEU A 857 -18.33 -5.87 -13.82
C LEU A 857 -19.04 -4.79 -13.00
N PHE A 858 -18.25 -3.84 -12.50
CA PHE A 858 -18.77 -2.63 -11.89
C PHE A 858 -18.49 -1.45 -12.81
N TRP A 859 -19.46 -0.53 -12.93
CA TRP A 859 -19.31 0.59 -13.84
C TRP A 859 -20.05 1.81 -13.31
N ASP A 860 -19.37 2.96 -13.32
CA ASP A 860 -19.97 4.26 -13.05
C ASP A 860 -19.36 5.30 -13.98
N ASP A 861 -19.54 6.59 -13.67
CA ASP A 861 -19.05 7.65 -14.54
C ASP A 861 -17.53 7.80 -14.37
N GLY A 862 -16.99 7.20 -13.31
CA GLY A 862 -15.55 7.05 -13.18
C GLY A 862 -14.88 8.21 -12.45
N GLU A 863 -15.67 9.18 -11.96
CA GLU A 863 -15.06 10.29 -11.25
C GLU A 863 -15.98 10.91 -10.20
N SER A 864 -17.28 10.58 -10.20
CA SER A 864 -18.21 11.27 -9.31
C SER A 864 -18.02 10.84 -7.86
N LEU A 865 -18.53 11.69 -6.95
CA LEU A 865 -18.54 11.41 -5.54
C LEU A 865 -19.86 10.74 -5.15
N GLU A 866 -19.80 9.92 -4.09
CA GLU A 866 -20.97 9.35 -3.44
C GLU A 866 -21.76 8.49 -4.42
N VAL A 867 -21.05 7.71 -5.24
CA VAL A 867 -21.67 6.94 -6.31
C VAL A 867 -22.52 5.81 -5.73
N LEU A 868 -21.97 5.12 -4.72
CA LEU A 868 -22.62 3.94 -4.18
C LEU A 868 -23.84 4.35 -3.36
N GLU A 869 -23.68 5.41 -2.56
CA GLU A 869 -24.75 5.93 -1.73
C GLU A 869 -25.94 6.34 -2.61
N ARG A 870 -25.64 6.94 -3.77
CA ARG A 870 -26.69 7.45 -4.65
C ARG A 870 -27.19 6.36 -5.60
N GLY A 871 -26.48 5.22 -5.67
CA GLY A 871 -26.84 4.15 -6.58
C GLY A 871 -26.57 4.49 -8.05
N ALA A 872 -25.57 5.35 -8.31
CA ALA A 872 -25.31 5.83 -9.65
C ALA A 872 -24.27 4.96 -10.34
N TYR A 873 -24.61 3.67 -10.51
CA TYR A 873 -23.68 2.71 -11.09
C TYR A 873 -24.45 1.52 -11.66
N THR A 874 -23.75 0.72 -12.47
CA THR A 874 -24.26 -0.53 -13.00
C THR A 874 -23.37 -1.67 -12.52
N GLN A 875 -24.00 -2.78 -12.11
CA GLN A 875 -23.33 -3.93 -11.53
C GLN A 875 -23.91 -5.19 -12.17
N VAL A 876 -23.04 -5.94 -12.85
CA VAL A 876 -23.46 -7.12 -13.59
C VAL A 876 -22.60 -8.30 -13.17
N ILE A 877 -23.23 -9.49 -13.09
CA ILE A 877 -22.51 -10.73 -12.86
C ILE A 877 -22.61 -11.59 -14.11
N PHE A 878 -21.54 -12.33 -14.41
CA PHE A 878 -21.49 -13.23 -15.55
C PHE A 878 -21.34 -14.66 -15.08
N LEU A 879 -22.17 -15.56 -15.63
CA LEU A 879 -22.15 -16.96 -15.25
C LEU A 879 -22.05 -17.83 -16.51
N ALA A 880 -21.11 -18.78 -16.48
CA ALA A 880 -20.97 -19.80 -17.51
C ALA A 880 -21.34 -21.16 -16.90
N ARG A 881 -22.32 -21.82 -17.52
CA ARG A 881 -22.79 -23.12 -17.07
C ARG A 881 -23.36 -23.86 -18.27
N ASN A 882 -23.10 -25.18 -18.34
CA ASN A 882 -23.78 -26.07 -19.27
C ASN A 882 -23.78 -25.47 -20.67
N ASN A 883 -22.59 -25.01 -21.12
CA ASN A 883 -22.38 -24.56 -22.48
C ASN A 883 -23.18 -23.28 -22.76
N THR A 884 -23.42 -22.47 -21.73
CA THR A 884 -24.10 -21.20 -21.90
C THR A 884 -23.37 -20.13 -21.08
N ILE A 885 -23.50 -18.87 -21.53
CA ILE A 885 -23.06 -17.71 -20.78
C ILE A 885 -24.24 -16.77 -20.65
N VAL A 886 -24.53 -16.35 -19.41
CA VAL A 886 -25.61 -15.41 -19.15
C VAL A 886 -25.06 -14.25 -18.33
N ASN A 887 -25.82 -13.16 -18.30
CA ASN A 887 -25.52 -12.07 -17.38
C ASN A 887 -26.67 -11.94 -16.37
N GLU A 888 -26.32 -11.51 -15.16
CA GLU A 888 -27.30 -11.26 -14.12
C GLU A 888 -27.19 -9.81 -13.69
N LEU A 889 -28.31 -9.09 -13.77
CA LEU A 889 -28.32 -7.66 -13.56
C LEU A 889 -28.51 -7.38 -12.06
N VAL A 890 -27.41 -7.05 -11.38
CA VAL A 890 -27.52 -6.71 -9.97
C VAL A 890 -28.11 -5.30 -9.85
N ARG A 891 -27.60 -4.38 -10.68
CA ARG A 891 -28.16 -3.04 -10.76
C ARG A 891 -27.86 -2.47 -12.15
N VAL A 892 -28.86 -1.78 -12.73
CA VAL A 892 -28.70 -1.12 -14.02
C VAL A 892 -29.18 0.32 -13.88
N THR A 893 -28.29 1.28 -14.19
CA THR A 893 -28.66 2.68 -14.28
C THR A 893 -28.12 3.20 -15.61
N SER A 894 -28.31 4.50 -15.86
CA SER A 894 -27.98 5.08 -17.14
C SER A 894 -26.49 4.95 -17.43
N GLU A 895 -25.70 4.78 -16.35
CA GLU A 895 -24.25 4.78 -16.44
C GLU A 895 -23.71 3.57 -17.19
N GLY A 896 -24.33 2.40 -16.99
CA GLY A 896 -23.84 1.20 -17.63
C GLY A 896 -24.75 0.71 -18.76
N ALA A 897 -25.86 1.42 -18.97
CA ALA A 897 -26.93 1.00 -19.87
C ALA A 897 -26.38 0.69 -21.26
N GLY A 898 -25.73 1.68 -21.87
CA GLY A 898 -25.33 1.58 -23.27
C GLY A 898 -23.97 0.89 -23.46
N LEU A 899 -23.58 0.04 -22.52
CA LEU A 899 -22.33 -0.70 -22.66
C LEU A 899 -22.52 -1.83 -23.66
N GLN A 900 -21.68 -1.83 -24.71
CA GLN A 900 -21.80 -2.80 -25.78
C GLN A 900 -20.85 -3.97 -25.53
N LEU A 901 -21.39 -5.19 -25.67
CA LEU A 901 -20.59 -6.40 -25.65
C LEU A 901 -20.52 -6.95 -27.07
N GLN A 902 -19.31 -7.01 -27.65
CA GLN A 902 -19.19 -7.37 -29.05
C GLN A 902 -18.38 -8.66 -29.22
N LYS A 903 -17.70 -9.10 -28.16
CA LYS A 903 -16.82 -10.26 -28.27
C LYS A 903 -16.87 -11.09 -26.99
N VAL A 904 -16.93 -12.42 -27.16
CA VAL A 904 -16.87 -13.37 -26.06
C VAL A 904 -15.85 -14.44 -26.41
N THR A 905 -14.83 -14.61 -25.55
CA THR A 905 -13.81 -15.62 -25.76
C THR A 905 -13.92 -16.67 -24.68
N VAL A 906 -14.08 -17.93 -25.09
CA VAL A 906 -14.23 -19.02 -24.15
C VAL A 906 -12.98 -19.90 -24.21
N LEU A 907 -12.33 -20.07 -23.05
CA LEU A 907 -11.13 -20.89 -22.95
C LEU A 907 -11.51 -22.25 -22.35
N GLY A 908 -10.86 -23.31 -22.86
CA GLY A 908 -11.05 -24.66 -22.36
C GLY A 908 -12.30 -25.34 -22.94
N VAL A 909 -12.60 -25.08 -24.21
CA VAL A 909 -13.69 -25.77 -24.88
C VAL A 909 -13.10 -26.97 -25.62
N ALA A 910 -13.59 -28.16 -25.28
CA ALA A 910 -12.91 -29.41 -25.60
C ALA A 910 -13.06 -29.77 -27.08
N THR A 911 -14.27 -29.61 -27.62
CA THR A 911 -14.55 -29.99 -29.00
C THR A 911 -15.22 -28.84 -29.74
N ALA A 912 -14.94 -28.74 -31.04
CA ALA A 912 -15.49 -27.72 -31.92
C ALA A 912 -17.01 -27.80 -31.91
N PRO A 913 -17.72 -26.68 -31.64
CA PRO A 913 -19.19 -26.68 -31.69
C PRO A 913 -19.71 -26.65 -33.13
N GLN A 914 -20.98 -27.04 -33.29
CA GLN A 914 -21.61 -27.05 -34.60
C GLN A 914 -22.43 -25.77 -34.78
N GLN A 915 -23.05 -25.32 -33.70
CA GLN A 915 -23.80 -24.07 -33.70
C GLN A 915 -23.39 -23.23 -32.50
N VAL A 916 -23.33 -21.91 -32.72
CA VAL A 916 -23.15 -20.94 -31.65
C VAL A 916 -24.29 -19.92 -31.75
N LEU A 917 -25.09 -19.84 -30.68
CA LEU A 917 -26.28 -18.99 -30.67
C LEU A 917 -26.05 -17.79 -29.76
N SER A 918 -26.65 -16.66 -30.15
CA SER A 918 -26.77 -15.49 -29.30
C SER A 918 -28.24 -15.12 -29.22
N ASN A 919 -28.83 -15.34 -28.04
CA ASN A 919 -30.25 -15.11 -27.82
C ASN A 919 -31.09 -15.98 -28.75
N GLY A 920 -30.57 -17.16 -29.11
CA GLY A 920 -31.33 -18.16 -29.83
C GLY A 920 -31.16 -18.07 -31.33
N VAL A 921 -30.30 -17.16 -31.80
CA VAL A 921 -30.06 -17.01 -33.22
C VAL A 921 -28.58 -17.27 -33.51
N PRO A 922 -28.25 -18.03 -34.59
CA PRO A 922 -26.85 -18.26 -34.96
C PRO A 922 -26.11 -16.93 -35.10
N VAL A 923 -24.95 -16.84 -34.46
CA VAL A 923 -24.13 -15.63 -34.53
C VAL A 923 -23.59 -15.50 -35.96
N SER A 924 -23.15 -14.28 -36.30
CA SER A 924 -22.68 -13.99 -37.64
C SER A 924 -21.30 -14.59 -37.88
N ASN A 925 -20.51 -14.75 -36.81
CA ASN A 925 -19.15 -15.24 -36.95
C ASN A 925 -18.62 -15.77 -35.63
N PHE A 926 -17.95 -16.94 -35.69
CA PHE A 926 -17.21 -17.48 -34.57
C PHE A 926 -16.02 -18.28 -35.11
N THR A 927 -14.98 -18.43 -34.29
CA THR A 927 -13.87 -19.30 -34.66
C THR A 927 -13.57 -20.24 -33.51
N TYR A 928 -12.97 -21.39 -33.86
CA TYR A 928 -12.53 -22.36 -32.88
C TYR A 928 -11.16 -22.91 -33.28
N SER A 929 -10.21 -22.94 -32.33
CA SER A 929 -8.92 -23.56 -32.54
C SER A 929 -8.90 -24.94 -31.88
N PRO A 930 -8.69 -26.03 -32.66
CA PRO A 930 -8.50 -27.36 -32.07
C PRO A 930 -7.26 -27.34 -31.18
N ASP A 931 -6.30 -26.50 -31.56
CA ASP A 931 -5.00 -26.42 -30.91
C ASP A 931 -5.13 -25.82 -29.51
N THR A 932 -5.70 -24.62 -29.43
CA THR A 932 -5.67 -23.83 -28.20
C THR A 932 -6.91 -24.12 -27.35
N LYS A 933 -7.95 -24.70 -27.96
CA LYS A 933 -9.19 -25.03 -27.27
C LYS A 933 -10.03 -23.77 -27.05
N VAL A 934 -9.89 -22.79 -27.93
CA VAL A 934 -10.47 -21.47 -27.72
C VAL A 934 -11.62 -21.24 -28.69
N LEU A 935 -12.76 -20.79 -28.15
CA LEU A 935 -13.92 -20.43 -28.95
C LEU A 935 -14.10 -18.91 -28.91
N ASP A 936 -13.95 -18.27 -30.08
CA ASP A 936 -14.05 -16.83 -30.22
C ASP A 936 -15.36 -16.48 -30.92
N ILE A 937 -16.22 -15.71 -30.23
CA ILE A 937 -17.58 -15.45 -30.70
C ILE A 937 -17.79 -13.95 -30.91
N CSO A 938 -18.40 -13.59 -32.04
CA CSO A 938 -18.84 -12.22 -32.28
CB CSO A 938 -18.64 -11.84 -33.74
SG CSO A 938 -16.92 -11.75 -34.30
C CSO A 938 -20.31 -12.09 -31.92
O CSO A 938 -21.12 -12.93 -32.28
OD CSO A 938 -16.07 -10.73 -33.31
N VAL A 939 -20.65 -10.99 -31.23
CA VAL A 939 -22.00 -10.76 -30.75
C VAL A 939 -22.31 -9.27 -30.84
N SER A 940 -23.60 -8.93 -30.65
CA SER A 940 -24.07 -7.56 -30.57
C SER A 940 -25.02 -7.45 -29.38
N LEU A 941 -24.45 -7.29 -28.18
CA LEU A 941 -25.22 -7.38 -26.96
C LEU A 941 -24.95 -6.16 -26.08
N LEU A 942 -25.85 -5.93 -25.12
CA LEU A 942 -25.70 -4.86 -24.15
C LEU A 942 -25.49 -5.47 -22.76
N MET A 943 -24.45 -5.00 -22.07
CA MET A 943 -24.14 -5.48 -20.73
C MET A 943 -25.36 -5.34 -19.81
N GLY A 944 -26.22 -4.37 -20.13
CA GLY A 944 -27.33 -4.00 -19.26
C GLY A 944 -28.64 -4.72 -19.59
N GLU A 945 -28.61 -5.56 -20.63
CA GLU A 945 -29.76 -6.37 -21.00
C GLU A 945 -29.40 -7.85 -20.89
N GLN A 946 -30.33 -8.65 -20.35
CA GLN A 946 -30.15 -10.08 -20.19
C GLN A 946 -29.94 -10.72 -21.56
N PHE A 947 -28.88 -11.53 -21.66
CA PHE A 947 -28.57 -12.28 -22.86
C PHE A 947 -28.31 -13.74 -22.49
N LEU A 948 -28.29 -14.59 -23.52
CA LEU A 948 -27.91 -15.99 -23.38
C LEU A 948 -27.12 -16.37 -24.62
N VAL A 949 -25.81 -16.57 -24.43
CA VAL A 949 -24.96 -17.11 -25.47
C VAL A 949 -24.81 -18.61 -25.21
N SER A 950 -24.95 -19.43 -26.26
CA SER A 950 -24.87 -20.87 -26.11
C SER A 950 -24.15 -21.49 -27.30
N TRP A 951 -23.64 -22.70 -27.09
CA TRP A 951 -22.96 -23.43 -28.15
C TRP A 951 -23.11 -24.93 -27.93
N CYS A 952 -22.92 -25.71 -29.00
CA CYS A 952 -22.86 -27.16 -28.93
C CYS A 952 -22.45 -27.73 -30.29
C1 NAG B . -8.58 -3.75 44.74
C2 NAG B . -7.54 -2.68 45.05
C3 NAG B . -7.50 -2.39 46.56
C4 NAG B . -8.88 -2.11 47.16
C5 NAG B . -9.89 -3.17 46.70
C6 NAG B . -11.33 -2.84 47.12
C7 NAG B . -5.46 -2.34 43.76
C8 NAG B . -4.00 -2.72 43.70
N2 NAG B . -6.22 -3.10 44.57
O3 NAG B . -6.63 -1.28 46.75
O4 NAG B . -8.80 -2.07 48.60
O5 NAG B . -9.84 -3.30 45.26
O6 NAG B . -11.82 -1.79 46.28
O7 NAG B . -5.91 -1.41 43.12
C1 NAG B . -9.68 -1.05 49.14
C2 NAG B . -9.95 -1.32 50.63
C3 NAG B . -10.48 -0.12 51.44
C4 NAG B . -10.09 1.26 50.91
C5 NAG B . -10.17 1.26 49.39
C6 NAG B . -9.91 2.65 48.78
C7 NAG B . -10.57 -3.72 50.83
C8 NAG B . -11.68 -4.67 51.17
N2 NAG B . -10.91 -2.42 50.74
O3 NAG B . -10.01 -0.21 52.79
O4 NAG B . -10.95 2.28 51.48
O5 NAG B . -9.24 0.30 48.91
O6 NAG B . -8.53 3.01 48.91
O7 NAG B . -9.42 -4.11 50.66
C1 FUC B . -13.20 -1.49 46.50
C2 FUC B . -13.41 0.00 46.25
C3 FUC B . -13.10 0.32 44.79
C4 FUC B . -13.85 -0.59 43.80
C5 FUC B . -13.82 -2.07 44.24
C6 FUC B . -14.79 -2.93 43.43
O2 FUC B . -12.53 0.75 47.10
O3 FUC B . -13.36 1.69 44.50
O4 FUC B . -15.20 -0.13 43.60
O5 FUC B . -14.09 -2.22 45.65
C1 NAG C . 2.44 -18.43 27.82
C2 NAG C . 2.17 -19.92 27.90
C3 NAG C . 2.69 -20.54 29.19
C4 NAG C . 4.07 -20.06 29.63
C5 NAG C . 4.25 -18.55 29.38
C6 NAG C . 5.71 -18.16 29.51
C7 NAG C . 0.19 -20.89 26.92
C8 NAG C . -1.28 -21.15 27.10
N2 NAG C . 0.75 -20.15 27.87
O3 NAG C . 2.74 -21.95 28.99
O4 NAG C . 4.20 -20.37 31.03
O5 NAG C . 3.83 -18.23 28.05
O6 NAG C . 6.41 -18.68 28.37
O7 NAG C . 0.84 -21.29 25.97
C1 NAG C . 5.43 -21.08 31.30
C2 NAG C . 5.70 -21.02 32.81
C3 NAG C . 6.72 -22.03 33.33
C4 NAG C . 6.73 -23.36 32.55
C5 NAG C . 6.74 -23.01 31.07
C6 NAG C . 7.04 -24.17 30.12
C7 NAG C . 5.29 -18.77 33.58
C8 NAG C . 5.82 -17.36 33.58
N2 NAG C . 6.14 -19.68 33.13
O3 NAG C . 6.47 -22.28 34.71
O4 NAG C . 7.84 -24.19 32.95
O5 NAG C . 5.46 -22.41 30.80
O6 NAG C . 5.83 -24.84 29.76
O7 NAG C . 4.17 -19.06 33.98
C1 BMA C . 7.38 -25.53 33.24
C2 BMA C . 8.50 -26.56 33.05
C3 BMA C . 8.00 -27.98 33.32
C4 BMA C . 7.17 -28.06 34.61
C5 BMA C . 6.12 -26.96 34.65
C6 BMA C . 5.24 -27.02 35.90
O2 BMA C . 9.61 -26.24 33.91
O3 BMA C . 9.11 -28.89 33.38
O4 BMA C . 6.54 -29.35 34.66
O5 BMA C . 6.77 -25.68 34.52
O6 BMA C . 5.98 -26.58 37.04
C1 NAG D . 10.24 14.15 -28.90
C2 NAG D . 11.43 14.44 -27.99
C3 NAG D . 12.52 15.26 -28.69
C4 NAG D . 12.85 14.77 -30.10
C5 NAG D . 11.55 14.53 -30.87
C6 NAG D . 11.75 13.95 -32.26
C7 NAG D . 10.76 14.68 -25.67
C8 NAG D . 10.34 15.64 -24.59
N2 NAG D . 10.97 15.22 -26.86
O3 NAG D . 13.70 15.28 -27.88
O4 NAG D . 13.63 15.81 -30.71
O5 NAG D . 10.70 13.62 -30.14
O6 NAG D . 12.16 12.58 -32.12
O7 NAG D . 10.90 13.49 -25.46
C1 NAG D . 14.80 15.34 -31.43
C2 NAG D . 15.06 16.32 -32.60
C3 NAG D . 16.51 16.63 -32.98
C4 NAG D . 17.57 16.18 -31.98
C5 NAG D . 17.14 14.89 -31.30
C6 NAG D . 18.21 14.41 -30.32
C7 NAG D . 13.25 16.53 -34.23
C8 NAG D . 12.56 15.90 -35.40
N2 NAG D . 14.32 15.89 -33.77
O3 NAG D . 16.65 18.03 -33.20
O4 NAG D . 18.82 16.00 -32.66
O5 NAG D . 15.94 15.17 -30.59
O6 NAG D . 17.95 13.03 -30.00
O7 NAG D . 12.85 17.58 -33.71
C1 NAG E . 12.32 29.64 16.89
C2 NAG E . 13.73 29.81 17.43
C3 NAG E . 14.34 31.17 17.08
C4 NAG E . 14.17 31.52 15.60
C5 NAG E . 12.69 31.35 15.24
C6 NAG E . 12.41 31.66 13.78
C7 NAG E . 14.49 28.71 19.46
C8 NAG E . 14.80 28.95 20.91
N2 NAG E . 13.73 29.63 18.86
O3 NAG E . 15.73 31.17 17.45
O4 NAG E . 14.53 32.90 15.36
O5 NAG E . 12.30 30.00 15.50
O6 NAG E . 10.99 31.61 13.55
O7 NAG E . 14.91 27.74 18.86
C1 NAG E . 15.90 33.02 14.93
C2 NAG E . 15.95 33.99 13.75
C3 NAG E . 17.39 34.34 13.33
C4 NAG E . 18.31 34.62 14.52
C5 NAG E . 18.13 33.55 15.58
C6 NAG E . 19.04 33.83 16.78
C7 NAG E . 14.28 34.13 11.97
C8 NAG E . 13.81 33.56 10.66
N2 NAG E . 15.23 33.45 12.62
O3 NAG E . 17.36 35.50 12.48
O4 NAG E . 19.68 34.66 14.07
O5 NAG E . 16.75 33.50 15.97
O6 NAG E . 18.51 33.24 17.98
O7 NAG E . 13.81 35.17 12.42
C1 BMA E . 20.24 35.99 14.13
C2 BMA E . 21.56 35.94 14.92
C3 BMA E . 22.22 37.31 14.99
C4 BMA E . 22.24 38.02 13.63
C5 BMA E . 20.91 37.89 12.87
C6 BMA E . 21.04 38.46 11.44
O2 BMA E . 22.46 35.03 14.28
O3 BMA E . 23.57 37.15 15.47
O4 BMA E . 22.50 39.41 13.81
O5 BMA E . 20.49 36.53 12.84
O6 BMA E . 19.86 38.22 10.69
C1 NAG F . 23.93 8.34 -16.45
C2 NAG F . 25.01 8.46 -15.39
C3 NAG F . 25.64 9.85 -15.42
C4 NAG F . 26.10 10.22 -16.84
C5 NAG F . 24.92 10.04 -17.81
C6 NAG F . 25.35 10.30 -19.25
C7 NAG F . 24.86 7.09 -13.34
C8 NAG F . 24.76 7.23 -11.85
N2 NAG F . 24.50 8.17 -14.05
O3 NAG F . 26.78 9.89 -14.55
O4 NAG F . 26.60 11.56 -16.87
O5 NAG F . 24.43 8.71 -17.73
O6 NAG F . 26.00 9.13 -19.73
O7 NAG F . 25.21 6.03 -13.86
C1 NAG F . 27.97 11.55 -17.32
C2 NAG F . 28.26 12.78 -18.17
C3 NAG F . 29.76 12.99 -18.44
C4 NAG F . 30.58 12.78 -17.17
C5 NAG F . 30.24 11.40 -16.64
C6 NAG F . 31.14 10.98 -15.47
C7 NAG F . 26.76 13.61 -19.93
C8 NAG F . 26.76 13.77 -21.43
N2 NAG F . 27.57 12.67 -19.46
O3 NAG F . 30.00 14.29 -18.98
O4 NAG F . 31.99 12.91 -17.47
O5 NAG F . 28.88 11.43 -16.22
O6 NAG F . 30.56 11.45 -14.26
O7 NAG F . 26.08 14.31 -19.21
C1 FUC F . 26.62 9.38 -21.02
C2 FUC F . 27.61 8.26 -21.29
C3 FUC F . 26.83 6.95 -21.32
C4 FUC F . 25.73 6.98 -22.39
C5 FUC F . 24.91 8.28 -22.36
C6 FUC F . 24.08 8.46 -23.63
O2 FUC F . 28.60 8.24 -20.26
O3 FUC F . 27.72 5.83 -21.53
O4 FUC F . 26.27 6.78 -23.69
O5 FUC F . 25.71 9.46 -22.12
C5 A1IO7 G . 12.28 14.45 -6.00
C4 A1IO7 G . 11.24 13.64 -6.77
C3 A1IO7 G . 11.12 12.24 -6.20
C2 A1IO7 G . 10.75 12.33 -4.71
C1 A1IO7 G . 11.80 13.14 -3.96
C6 A1IO7 G . 12.20 15.88 -6.52
O6 A1IO7 G . 10.92 16.43 -6.20
O4 A1IO7 G . 11.60 13.55 -8.14
N5 A1IO7 G . 11.92 14.47 -4.56
O2 A1IO7 G . 10.71 11.04 -4.13
O3 A1IO7 G . 10.14 11.52 -6.95
C12 A1IO7 G . 13.68 13.86 -6.21
C13 A1IO7 G . 14.80 14.50 -5.41
C14 A1IO7 G . 15.98 13.53 -5.34
C15 A1IO7 G . 17.34 14.23 -5.21
C16 A1IO7 G . 17.65 14.64 -3.77
S SO4 H . -19.38 5.99 -1.94
O1 SO4 H . -20.69 6.34 -1.47
O2 SO4 H . -18.46 7.05 -1.65
O3 SO4 H . -18.93 4.78 -1.29
O4 SO4 H . -19.41 5.77 -3.36
S SO4 I . 14.53 -19.05 -13.08
O1 SO4 I . 14.85 -20.18 -12.26
O2 SO4 I . 15.73 -18.29 -13.34
O3 SO4 I . 13.97 -19.50 -14.33
O4 SO4 I . 13.56 -18.22 -12.40
S SO4 J . -10.31 -27.25 -13.12
O1 SO4 J . -9.71 -28.55 -12.94
O2 SO4 J . -11.72 -27.32 -12.84
O3 SO4 J . -9.68 -26.31 -12.23
O4 SO4 J . -10.12 -26.82 -14.48
S SO4 K . 21.51 -4.98 -10.60
O1 SO4 K . 20.48 -5.23 -9.63
O2 SO4 K . 22.49 -4.08 -10.03
O3 SO4 K . 22.16 -6.22 -10.94
O4 SO4 K . 20.95 -4.39 -11.79
CL CL L . 32.14 -8.09 30.34
CL CL M . -0.24 15.03 24.62
CL CL N . 21.69 0.21 34.62
CL CL O . 11.97 -23.77 -7.36
CL CL P . 10.53 -16.99 6.54
CL CL Q . -6.04 20.51 22.04
CL CL R . 7.76 -26.39 -2.60
CL CL S . -11.36 21.49 -14.55
CL CL T . 2.98 -10.59 -23.18
C1 GOL U . 19.55 -13.33 38.13
O1 GOL U . 18.71 -12.89 39.19
C2 GOL U . 21.00 -13.35 38.54
O2 GOL U . 21.83 -13.74 37.46
C3 GOL U . 21.48 -12.03 39.12
O3 GOL U . 22.00 -12.19 40.44
C1 GOL V . -9.34 35.43 11.82
O1 GOL V . -9.32 35.70 10.42
C2 GOL V . -9.04 33.98 12.12
O2 GOL V . -9.83 33.11 11.31
C3 GOL V . -7.57 33.62 11.99
O3 GOL V . -7.38 32.44 11.21
C1 GOL W . -0.69 32.34 -3.54
O1 GOL W . 0.57 32.01 -4.11
C2 GOL W . -1.76 31.37 -3.99
O2 GOL W . -3.06 31.93 -3.76
C3 GOL W . -1.63 30.96 -5.44
O3 GOL W . -2.90 30.85 -6.08
C1 GOL X . -11.97 15.48 -20.08
O1 GOL X . -12.42 14.16 -20.31
C2 GOL X . -10.98 15.56 -18.93
O2 GOL X . -9.74 14.96 -19.30
C3 GOL X . -10.74 16.95 -18.41
O3 GOL X . -11.97 17.64 -18.16
C1 PEG Y . 21.54 18.18 0.71
O1 PEG Y . 20.27 18.32 0.07
C2 PEG Y . 21.57 18.95 1.99
O2 PEG Y . 21.69 20.34 1.71
C3 PEG Y . 22.43 21.05 2.70
C4 PEG Y . 21.58 22.11 3.35
O4 PEG Y . 21.12 23.08 2.41
C1 PEG Z . -22.84 4.81 -26.19
O1 PEG Z . -23.55 3.58 -26.19
C2 PEG Z . -21.53 4.63 -26.91
O2 PEG Z . -21.65 5.12 -28.25
C3 PEG Z . -20.74 4.49 -29.15
C4 PEG Z . -21.40 4.31 -30.49
O4 PEG Z . -20.76 3.32 -31.27
C1 EDO AA . -10.53 11.26 12.32
O1 EDO AA . -9.84 11.22 11.08
C2 EDO AA . -9.82 12.05 13.35
O2 EDO AA . -10.44 12.01 14.62
C1 EDO BA . -32.78 -15.21 -23.49
O1 EDO BA . -33.04 -15.13 -24.87
C2 EDO BA . -33.00 -13.93 -22.78
O2 EDO BA . -32.88 -14.07 -21.38
C1 EDO CA . 1.79 6.14 39.52
O1 EDO CA . 1.33 4.82 39.73
C2 EDO CA . 3.24 6.31 39.82
O2 EDO CA . 4.07 5.79 38.80
C1 EDO DA . -19.26 -21.05 -9.91
O1 EDO DA . -20.13 -20.29 -10.73
C2 EDO DA . -18.10 -21.61 -10.65
O2 EDO DA . -16.88 -20.95 -10.40
C1 EDO EA . 22.50 -7.06 24.67
O1 EDO EA . 22.12 -8.20 25.43
C2 EDO EA . 22.98 -7.42 23.32
O2 EDO EA . 23.73 -8.62 23.30
C1 EDO FA . 24.26 -16.63 34.38
O1 EDO FA . 25.52 -17.26 34.40
C2 EDO FA . 24.16 -15.54 35.38
O2 EDO FA . 24.55 -14.29 34.86
C1 EDO GA . -10.03 -2.25 38.56
O1 EDO GA . -11.02 -3.23 38.28
C2 EDO GA . -9.44 -1.64 37.34
O2 EDO GA . -10.08 -0.44 36.91
#